data_9LTY
#
_entry.id   9LTY
#
_cell.length_a   33.542
_cell.length_b   47.600
_cell.length_c   125.682
_cell.angle_alpha   91.68
_cell.angle_beta   90.18
_cell.angle_gamma   89.87
#
_symmetry.space_group_name_H-M   'P 1'
#
loop_
_entity.id
_entity.type
_entity.pdbx_description
1 polymer 'Isopeptide-forming domain-containing fimbrial protein'
2 non-polymer 'MAGNESIUM ION'
3 non-polymer 'SODIUM ION'
4 water water
#
_entity_poly.entity_id   1
_entity_poly.type   'polypeptide(L)'
_entity_poly.pdbx_seq_one_letter_code
;MGSSHHHHHHSSGLVPRGSHMASNDGSLHVKKVGTAENEGLNGAEFVISKSEGSPGTVKYIQGVKDGLYTWTTDKEQAKR
FITGKSYEIGENDFTEAENGTGELTVKNLEVGSYILEEVKAPNNAELIENQTKTPFTIEANNQTPVEKTVKNDTSKVDKT
TPSLDGKDVAIGEKIKYQISVNIPLGIADKEGDANKYVKFNLVDKHDAALTFDNVTSGEYAYALYDGDTVIAPENYQVTE
QANGFTVAVNPAYIPTLTPGGTLKFVYFMHLNEKADPTKGFKNEANVDNGHTDDQTPPTVEVVTGGKRFIKVDGDVTATQ
ALAGASFVVRDQNSDTANYLKIDETTKAATWVKTKAEATTFTTTADGLVDITGLKYGTYYLEETVAPDDYVLLTNRIEFV
VNEQSYGTTENLVSPEKVPNKHKGTLPSTGGKGLEHHHHH
;
_entity_poly.pdbx_strand_id   A,B
#
loop_
_chem_comp.id
_chem_comp.type
_chem_comp.name
_chem_comp.formula
MG non-polymer 'MAGNESIUM ION' 'Mg 2'
NA non-polymer 'SODIUM ION' 'Na 1'
#
# COMPACT_ATOMS: atom_id res chain seq x y z
N ASN A 24 14.27 -1.21 2.92
CA ASN A 24 14.19 -0.03 3.82
C ASN A 24 12.84 0.68 3.72
N ASP A 25 12.22 0.78 2.53
CA ASP A 25 11.02 1.59 2.42
C ASP A 25 9.82 0.80 1.89
N GLY A 26 10.03 -0.47 1.56
CA GLY A 26 8.95 -1.33 1.12
C GLY A 26 8.08 -1.70 2.32
N SER A 27 6.79 -1.91 2.09
CA SER A 27 5.85 -2.22 3.17
C SER A 27 4.75 -3.18 2.71
N LEU A 28 4.16 -3.91 3.67
CA LEU A 28 3.08 -4.84 3.43
C LEU A 28 1.87 -4.42 4.26
N HIS A 29 0.69 -4.39 3.63
CA HIS A 29 -0.54 -4.08 4.31
C HIS A 29 -1.55 -5.21 4.07
N VAL A 30 -1.96 -5.85 5.18
CA VAL A 30 -2.82 -7.01 5.16
C VAL A 30 -4.17 -6.60 5.77
N LYS A 31 -5.26 -7.08 5.16
CA LYS A 31 -6.59 -7.05 5.75
C LYS A 31 -6.99 -8.49 6.03
N LYS A 32 -7.12 -8.82 7.31
CA LYS A 32 -7.62 -10.10 7.73
C LYS A 32 -9.12 -10.00 7.97
N VAL A 33 -9.90 -10.87 7.33
CA VAL A 33 -11.35 -10.80 7.40
C VAL A 33 -11.92 -12.20 7.66
N GLY A 34 -13.12 -12.22 8.25
CA GLY A 34 -13.87 -13.45 8.41
C GLY A 34 -14.80 -13.70 7.21
N THR A 35 -15.06 -14.96 6.89
CA THR A 35 -15.92 -15.33 5.78
C THR A 35 -17.41 -15.07 6.07
N ALA A 36 -17.82 -14.99 7.34
CA ALA A 36 -19.21 -14.79 7.70
C ALA A 36 -19.73 -13.43 7.19
N GLU A 37 -19.08 -12.33 7.59
CA GLU A 37 -19.59 -11.02 7.20
C GLU A 37 -18.50 -10.14 6.58
N ASN A 38 -17.40 -10.76 6.14
CA ASN A 38 -16.25 -10.00 5.67
C ASN A 38 -15.79 -9.03 6.76
N GLU A 39 -15.89 -9.45 8.03
CA GLU A 39 -15.57 -8.57 9.14
C GLU A 39 -14.07 -8.61 9.42
N GLY A 40 -13.48 -7.51 9.92
CA GLY A 40 -12.04 -7.47 10.21
C GLY A 40 -11.75 -8.26 11.49
N LEU A 41 -10.65 -9.04 11.54
CA LEU A 41 -10.34 -9.90 12.68
C LEU A 41 -8.94 -9.60 13.24
N ASN A 42 -8.89 -9.34 14.53
CA ASN A 42 -7.66 -9.10 15.28
C ASN A 42 -7.20 -10.40 15.88
N GLY A 43 -5.88 -10.52 16.11
CA GLY A 43 -5.32 -11.64 16.85
C GLY A 43 -4.95 -12.83 15.95
N ALA A 44 -5.05 -12.66 14.63
CA ALA A 44 -4.41 -13.61 13.73
C ALA A 44 -2.90 -13.41 13.75
N GLU A 45 -2.13 -14.50 13.81
CA GLU A 45 -0.69 -14.41 13.96
C GLU A 45 -0.04 -14.96 12.70
N PHE A 46 0.91 -14.16 12.19
CA PHE A 46 1.64 -14.49 10.96
C PHE A 46 3.15 -14.52 11.24
N VAL A 47 3.86 -15.35 10.45
CA VAL A 47 5.30 -15.20 10.28
C VAL A 47 5.61 -14.76 8.83
N ILE A 48 6.80 -14.19 8.62
CA ILE A 48 7.21 -13.71 7.29
C ILE A 48 8.48 -14.46 6.88
N SER A 49 8.40 -15.23 5.79
CA SER A 49 9.54 -16.02 5.37
C SER A 49 10.06 -15.55 4.01
N LYS A 50 11.27 -15.98 3.72
CA LYS A 50 11.90 -15.81 2.43
C LYS A 50 12.72 -17.07 2.17
N SER A 51 13.05 -17.27 0.90
CA SER A 51 13.86 -18.39 0.49
C SER A 51 15.14 -17.86 -0.14
N GLU A 52 16.27 -18.18 0.48
CA GLU A 52 17.55 -17.74 -0.12
C GLU A 52 18.47 -18.96 -0.30
N GLY A 53 18.92 -19.18 -1.53
CA GLY A 53 19.88 -20.26 -1.76
C GLY A 53 19.46 -21.18 -2.87
N SER A 54 20.27 -22.21 -3.13
CA SER A 54 19.96 -23.22 -4.17
C SER A 54 20.51 -24.56 -3.70
N PRO A 55 19.73 -25.47 -3.08
CA PRO A 55 18.28 -25.40 -3.06
C PRO A 55 17.90 -24.42 -1.97
N GLY A 56 16.69 -23.90 -2.05
CA GLY A 56 16.34 -22.84 -1.09
C GLY A 56 16.16 -23.23 0.35
N THR A 57 16.83 -22.52 1.24
CA THR A 57 16.56 -22.66 2.67
C THR A 57 15.63 -21.53 3.09
N VAL A 58 14.60 -21.90 3.87
CA VAL A 58 13.61 -20.95 4.34
C VAL A 58 14.18 -20.24 5.55
N LYS A 59 13.93 -18.93 5.63
CA LYS A 59 14.30 -18.13 6.77
C LYS A 59 13.11 -17.24 7.16
N TYR A 60 12.99 -16.95 8.47
CA TYR A 60 11.89 -16.16 9.01
C TYR A 60 12.45 -14.90 9.68
N ILE A 61 11.66 -13.82 9.64
CA ILE A 61 12.03 -12.64 10.41
C ILE A 61 12.03 -13.02 11.88
N GLN A 62 13.12 -12.67 12.56
CA GLN A 62 13.26 -12.97 13.97
C GLN A 62 13.25 -11.68 14.80
N GLY A 63 14.07 -10.72 14.39
CA GLY A 63 14.21 -9.50 15.15
C GLY A 63 14.79 -8.38 14.28
N VAL A 64 15.51 -7.48 14.94
CA VAL A 64 15.99 -6.26 14.31
C VAL A 64 17.40 -5.99 14.81
N LYS A 65 18.29 -5.59 13.89
CA LYS A 65 19.64 -5.22 14.26
C LYS A 65 20.18 -4.25 13.21
N ASP A 66 20.56 -3.06 13.67
CA ASP A 66 21.27 -2.09 12.85
C ASP A 66 20.42 -1.71 11.64
N GLY A 67 19.14 -1.36 11.90
CA GLY A 67 18.25 -0.85 10.88
C GLY A 67 17.68 -1.94 9.97
N LEU A 68 18.01 -3.20 10.25
CA LEU A 68 17.59 -4.29 9.39
C LEU A 68 16.87 -5.33 10.24
N TYR A 69 15.93 -6.01 9.61
CA TYR A 69 15.37 -7.22 10.19
C TYR A 69 16.46 -8.30 10.21
N THR A 70 16.52 -9.07 11.31
CA THR A 70 17.35 -10.25 11.38
C THR A 70 16.46 -11.46 11.05
N TRP A 71 17.11 -12.54 10.65
CA TRP A 71 16.46 -13.74 10.16
C TRP A 71 16.93 -14.99 10.91
N THR A 72 15.99 -15.92 11.13
CA THR A 72 16.31 -17.22 11.68
C THR A 72 15.80 -18.29 10.73
N THR A 73 16.46 -19.46 10.69
CA THR A 73 15.88 -20.62 10.03
C THR A 73 14.95 -21.39 10.99
N ASP A 74 14.89 -21.00 12.26
CA ASP A 74 14.05 -21.70 13.23
C ASP A 74 12.69 -21.00 13.35
N LYS A 75 11.64 -21.67 12.90
CA LYS A 75 10.31 -21.08 12.88
C LYS A 75 9.78 -20.83 14.29
N GLU A 76 10.24 -21.62 15.27
CA GLU A 76 9.88 -21.39 16.66
C GLU A 76 10.34 -20.01 17.13
N GLN A 77 11.40 -19.46 16.52
CA GLN A 77 11.95 -18.17 16.93
C GLN A 77 11.45 -17.04 16.03
N ALA A 78 10.59 -17.37 15.05
CA ALA A 78 10.13 -16.36 14.11
C ALA A 78 9.25 -15.35 14.84
N LYS A 79 9.38 -14.10 14.44
CA LYS A 79 8.49 -13.06 15.01
C LYS A 79 7.04 -13.33 14.59
N ARG A 80 6.14 -13.24 15.55
CA ARG A 80 4.71 -13.40 15.28
C ARG A 80 4.16 -12.00 14.99
N PHE A 81 3.80 -11.75 13.74
CA PHE A 81 3.11 -10.49 13.41
C PHE A 81 1.60 -10.69 13.64
N ILE A 82 0.96 -9.78 14.35
CA ILE A 82 -0.42 -9.96 14.75
C ILE A 82 -1.32 -8.90 14.14
N THR A 83 -2.46 -9.35 13.57
CA THR A 83 -3.43 -8.46 12.97
C THR A 83 -4.02 -7.57 14.05
N GLY A 84 -4.15 -6.28 13.70
CA GLY A 84 -4.50 -5.23 14.65
C GLY A 84 -3.29 -4.49 15.21
N LYS A 85 -2.09 -4.87 14.72
CA LYS A 85 -0.85 -4.20 15.08
C LYS A 85 -0.12 -3.77 13.81
N SER A 86 0.70 -2.73 13.94
CA SER A 86 1.65 -2.32 12.91
C SER A 86 3.07 -2.43 13.46
N TYR A 87 4.05 -2.68 12.57
CA TYR A 87 5.41 -2.98 12.97
C TYR A 87 6.35 -2.24 12.04
N GLU A 88 7.38 -1.60 12.61
CA GLU A 88 8.46 -1.05 11.82
C GLU A 88 9.77 -1.22 12.59
N ILE A 89 10.88 -0.87 11.96
CA ILE A 89 12.18 -1.04 12.60
C ILE A 89 12.41 0.11 13.57
N GLY A 90 12.68 -0.26 14.83
CA GLY A 90 13.11 0.71 15.83
C GLY A 90 14.61 0.56 16.09
N GLU A 91 15.06 1.07 17.24
CA GLU A 91 16.45 0.97 17.66
C GLU A 91 16.69 -0.42 18.28
N ASN A 92 17.19 -1.35 17.44
CA ASN A 92 17.47 -2.72 17.82
C ASN A 92 16.27 -3.34 18.53
N ASP A 93 15.06 -3.04 18.02
CA ASP A 93 13.84 -3.71 18.40
C ASP A 93 12.71 -3.25 17.47
N PHE A 94 11.63 -4.06 17.43
CA PHE A 94 10.44 -3.73 16.67
C PHE A 94 9.74 -2.55 17.34
N THR A 95 9.32 -1.57 16.53
CA THR A 95 8.41 -0.55 17.03
C THR A 95 6.99 -0.95 16.64
N GLU A 96 6.17 -1.30 17.64
CA GLU A 96 4.78 -1.70 17.45
C GLU A 96 3.81 -0.57 17.79
N ALA A 97 2.70 -0.48 17.04
CA ALA A 97 1.56 0.34 17.44
C ALA A 97 0.24 -0.35 17.06
N GLU A 98 -0.86 0.13 17.66
CA GLU A 98 -2.19 -0.39 17.36
C GLU A 98 -2.55 0.02 15.93
N ASN A 99 -3.12 -0.91 15.19
CA ASN A 99 -3.56 -0.74 13.82
C ASN A 99 -5.09 -0.81 13.77
N GLY A 100 -5.67 -0.50 12.59
CA GLY A 100 -7.08 -0.72 12.36
C GLY A 100 -7.48 -2.20 12.51
N THR A 101 -8.76 -2.43 12.82
CA THR A 101 -9.30 -3.76 13.05
C THR A 101 -8.99 -4.66 11.87
N GLY A 102 -8.36 -5.79 12.14
CA GLY A 102 -8.02 -6.77 11.14
C GLY A 102 -6.87 -6.32 10.22
N GLU A 103 -6.16 -5.24 10.59
CA GLU A 103 -5.09 -4.77 9.73
C GLU A 103 -3.74 -5.18 10.31
N LEU A 104 -2.79 -5.50 9.42
CA LEU A 104 -1.44 -5.77 9.81
C LEU A 104 -0.56 -4.98 8.86
N THR A 105 0.33 -4.16 9.42
CA THR A 105 1.25 -3.39 8.60
C THR A 105 2.67 -3.77 9.01
N VAL A 106 3.52 -4.08 8.03
CA VAL A 106 4.93 -4.35 8.28
C VAL A 106 5.72 -3.45 7.33
N LYS A 107 6.50 -2.51 7.89
CA LYS A 107 7.26 -1.54 7.13
C LYS A 107 8.72 -1.95 7.10
N ASN A 108 9.49 -1.26 6.24
CA ASN A 108 10.94 -1.38 6.16
C ASN A 108 11.37 -2.75 5.67
N LEU A 109 10.58 -3.35 4.77
CA LEU A 109 10.98 -4.58 4.13
C LEU A 109 11.93 -4.26 2.97
N GLU A 110 12.99 -5.09 2.85
CA GLU A 110 13.95 -5.05 1.76
C GLU A 110 13.26 -5.66 0.54
N VAL A 111 13.71 -5.23 -0.64
CA VAL A 111 13.27 -5.75 -1.93
C VAL A 111 13.40 -7.27 -1.96
N GLY A 112 12.48 -7.94 -2.67
CA GLY A 112 12.51 -9.40 -2.73
C GLY A 112 11.14 -10.05 -2.58
N SER A 113 11.11 -11.36 -2.78
CA SER A 113 9.91 -12.16 -2.70
C SER A 113 9.83 -12.83 -1.33
N TYR A 114 8.63 -12.92 -0.81
CA TYR A 114 8.42 -13.38 0.57
C TYR A 114 7.15 -14.21 0.64
N ILE A 115 6.93 -14.85 1.79
CA ILE A 115 5.69 -15.55 2.06
C ILE A 115 5.19 -15.04 3.41
N LEU A 116 3.94 -14.58 3.44
CA LEU A 116 3.28 -14.25 4.68
C LEU A 116 2.53 -15.49 5.11
N GLU A 117 2.90 -16.06 6.26
CA GLU A 117 2.38 -17.36 6.62
C GLU A 117 1.59 -17.27 7.92
N GLU A 118 0.32 -17.65 7.85
CA GLU A 118 -0.57 -17.60 8.99
C GLU A 118 -0.30 -18.78 9.89
N VAL A 119 -0.02 -18.51 11.16
CA VAL A 119 0.33 -19.59 12.09
C VAL A 119 -0.74 -19.77 13.17
N LYS A 120 -1.59 -18.78 13.40
CA LYS A 120 -2.62 -18.98 14.40
C LYS A 120 -3.85 -18.15 14.08
N ALA A 121 -5.02 -18.81 14.02
CA ALA A 121 -6.28 -18.15 13.73
C ALA A 121 -6.73 -17.31 14.91
N PRO A 122 -7.46 -16.20 14.68
CA PRO A 122 -8.12 -15.44 15.74
C PRO A 122 -9.08 -16.35 16.51
N ASN A 123 -9.54 -15.84 17.66
CA ASN A 123 -10.51 -16.54 18.48
C ASN A 123 -11.80 -16.74 17.68
N ASN A 124 -12.37 -17.96 17.78
CA ASN A 124 -13.61 -18.35 17.10
C ASN A 124 -13.51 -18.11 15.59
N ALA A 125 -12.32 -18.33 15.05
CA ALA A 125 -12.08 -18.40 13.62
C ALA A 125 -11.24 -19.63 13.34
N GLU A 126 -11.28 -20.12 12.09
CA GLU A 126 -10.45 -21.22 11.68
C GLU A 126 -9.66 -20.86 10.41
N LEU A 127 -8.43 -21.38 10.33
CA LEU A 127 -7.57 -21.27 9.15
C LEU A 127 -8.24 -21.95 7.95
N ILE A 128 -7.98 -21.36 6.77
CA ILE A 128 -8.32 -21.90 5.47
C ILE A 128 -7.01 -22.26 4.78
N GLU A 129 -6.90 -23.49 4.26
CA GLU A 129 -5.60 -24.01 3.84
C GLU A 129 -4.97 -23.12 2.75
N ASN A 130 -5.78 -22.69 1.78
CA ASN A 130 -5.27 -21.90 0.66
C ASN A 130 -5.18 -20.41 1.02
N GLN A 131 -5.40 -20.03 2.28
CA GLN A 131 -5.16 -18.67 2.72
C GLN A 131 -3.93 -18.57 3.62
N THR A 132 -3.36 -19.71 4.04
CA THR A 132 -2.32 -19.69 5.07
C THR A 132 -0.96 -19.21 4.56
N LYS A 133 -0.68 -19.36 3.26
CA LYS A 133 0.58 -18.86 2.72
C LYS A 133 0.29 -17.89 1.60
N THR A 134 0.60 -16.61 1.84
CA THR A 134 0.35 -15.54 0.91
C THR A 134 1.68 -15.07 0.34
N PRO A 135 2.01 -15.34 -0.93
CA PRO A 135 3.21 -14.75 -1.53
C PRO A 135 3.05 -13.24 -1.68
N PHE A 136 4.13 -12.52 -1.40
CA PHE A 136 4.18 -11.12 -1.77
C PHE A 136 5.57 -10.71 -2.22
N THR A 137 5.62 -9.70 -3.09
CA THR A 137 6.87 -9.17 -3.63
C THR A 137 7.01 -7.71 -3.21
N ILE A 138 8.15 -7.35 -2.61
CA ILE A 138 8.52 -5.96 -2.42
C ILE A 138 9.36 -5.55 -3.65
N GLU A 139 8.91 -4.55 -4.39
CA GLU A 139 9.59 -4.11 -5.60
C GLU A 139 10.68 -3.09 -5.25
N ALA A 140 11.70 -2.99 -6.11
CA ALA A 140 12.73 -1.99 -5.97
C ALA A 140 12.11 -0.59 -6.12
N ASN A 141 12.56 0.37 -5.30
CA ASN A 141 12.28 1.78 -5.51
C ASN A 141 10.78 2.03 -5.52
N ASN A 142 10.08 1.41 -4.58
CA ASN A 142 8.64 1.44 -4.60
C ASN A 142 8.15 1.47 -3.16
N GLN A 143 7.66 2.65 -2.75
CA GLN A 143 7.20 2.89 -1.39
C GLN A 143 5.69 2.67 -1.27
N THR A 144 5.01 2.24 -2.34
CA THR A 144 3.58 1.95 -2.22
C THR A 144 3.37 0.66 -1.42
N PRO A 145 2.58 0.68 -0.32
CA PRO A 145 2.29 -0.56 0.41
C PRO A 145 1.71 -1.63 -0.50
N VAL A 146 2.25 -2.84 -0.38
CA VAL A 146 1.70 -3.98 -1.08
C VAL A 146 0.47 -4.44 -0.30
N GLU A 147 -0.65 -4.65 -0.99
CA GLU A 147 -1.93 -4.95 -0.37
C GLU A 147 -2.26 -6.41 -0.54
N LYS A 148 -2.61 -7.10 0.58
CA LYS A 148 -3.08 -8.46 0.49
C LYS A 148 -4.28 -8.62 1.40
N THR A 149 -5.19 -9.54 1.02
CA THR A 149 -6.31 -9.92 1.86
C THR A 149 -6.12 -11.36 2.24
N VAL A 150 -6.40 -11.69 3.51
CA VAL A 150 -6.34 -13.06 3.97
C VAL A 150 -7.65 -13.35 4.71
N LYS A 151 -8.29 -14.47 4.33
CA LYS A 151 -9.57 -14.87 4.86
C LYS A 151 -9.35 -15.91 5.95
N ASN A 152 -10.17 -15.81 6.97
CA ASN A 152 -10.34 -16.81 8.01
C ASN A 152 -11.82 -17.15 8.06
N ASP A 153 -12.11 -18.42 8.27
CA ASP A 153 -13.48 -18.88 8.34
C ASP A 153 -14.08 -18.49 9.68
N THR A 154 -15.25 -17.84 9.59
CA THR A 154 -16.14 -17.58 10.71
C THR A 154 -17.55 -18.02 10.32
N SER A 155 -18.45 -18.06 11.32
CA SER A 155 -19.83 -18.50 11.15
C SER A 155 -20.82 -17.37 11.48
N LYS A 156 -21.78 -17.13 10.58
CA LYS A 156 -22.98 -16.36 10.86
C LYS A 156 -24.19 -17.25 10.59
N VAL A 157 -25.00 -17.51 11.62
CA VAL A 157 -26.24 -18.23 11.48
C VAL A 157 -27.42 -17.25 11.41
N ASP A 158 -28.36 -17.56 10.50
CA ASP A 158 -29.56 -16.75 10.36
C ASP A 158 -30.76 -17.64 10.61
N LYS A 159 -31.79 -17.08 11.23
CA LYS A 159 -33.05 -17.78 11.44
C LYS A 159 -34.20 -16.84 11.14
N THR A 160 -35.12 -17.28 10.28
CA THR A 160 -36.25 -16.46 9.87
C THR A 160 -37.51 -17.31 9.75
N THR A 161 -38.64 -16.57 9.75
CA THR A 161 -39.92 -17.09 9.28
C THR A 161 -40.27 -16.37 7.99
N PRO A 162 -39.86 -16.91 6.83
CA PRO A 162 -39.94 -16.16 5.57
C PRO A 162 -41.35 -16.00 5.00
N SER A 163 -42.37 -16.61 5.62
CA SER A 163 -43.71 -16.52 5.06
C SER A 163 -44.64 -15.67 5.91
N LEU A 164 -44.32 -15.48 7.20
CA LEU A 164 -45.23 -14.82 8.11
C LEU A 164 -45.39 -13.34 7.76
N ASP A 165 -46.61 -12.83 7.92
CA ASP A 165 -46.93 -11.44 7.72
C ASP A 165 -46.33 -10.61 8.86
N GLY A 166 -46.38 -11.13 10.09
CA GLY A 166 -45.69 -10.47 11.18
C GLY A 166 -45.09 -11.53 12.10
N LYS A 167 -45.58 -11.53 13.33
CA LYS A 167 -45.09 -12.36 14.40
C LYS A 167 -46.22 -13.16 15.03
N ASP A 168 -47.47 -12.78 14.76
CA ASP A 168 -48.63 -13.45 15.35
C ASP A 168 -49.03 -14.67 14.51
N VAL A 169 -49.46 -15.72 15.19
CA VAL A 169 -49.88 -16.95 14.55
C VAL A 169 -51.05 -17.50 15.38
N ALA A 170 -51.74 -18.51 14.80
CA ALA A 170 -52.74 -19.27 15.53
C ALA A 170 -52.06 -20.49 16.11
N ILE A 171 -52.57 -20.95 17.26
CA ILE A 171 -52.11 -22.20 17.79
C ILE A 171 -52.46 -23.25 16.73
N GLY A 172 -51.55 -24.20 16.50
CA GLY A 172 -51.75 -25.26 15.53
C GLY A 172 -51.29 -24.86 14.11
N GLU A 173 -51.16 -23.56 13.84
CA GLU A 173 -50.77 -23.06 12.50
C GLU A 173 -49.34 -23.52 12.19
N LYS A 174 -49.16 -24.19 11.05
CA LYS A 174 -47.81 -24.59 10.66
C LYS A 174 -47.07 -23.36 10.17
N ILE A 175 -45.91 -23.11 10.77
CA ILE A 175 -45.07 -21.96 10.50
C ILE A 175 -43.81 -22.46 9.77
N LYS A 176 -43.54 -21.83 8.62
CA LYS A 176 -42.30 -22.06 7.90
C LYS A 176 -41.15 -21.37 8.60
N TYR A 177 -40.10 -22.15 8.85
CA TYR A 177 -38.87 -21.66 9.45
C TYR A 177 -37.72 -21.93 8.47
N GLN A 178 -36.69 -21.11 8.57
CA GLN A 178 -35.45 -21.31 7.83
C GLN A 178 -34.26 -21.00 8.73
N ILE A 179 -33.30 -21.97 8.76
CA ILE A 179 -32.02 -21.76 9.42
C ILE A 179 -30.93 -21.82 8.36
N SER A 180 -30.07 -20.81 8.36
CA SER A 180 -29.00 -20.63 7.37
C SER A 180 -27.67 -20.44 8.07
N VAL A 181 -26.60 -21.01 7.48
CA VAL A 181 -25.22 -20.71 7.88
C VAL A 181 -24.31 -20.71 6.65
N ASN A 182 -23.32 -19.81 6.65
CA ASN A 182 -22.27 -19.83 5.65
C ASN A 182 -21.48 -21.13 5.81
N ILE A 183 -21.14 -21.74 4.67
CA ILE A 183 -20.34 -22.94 4.66
C ILE A 183 -18.87 -22.54 4.62
N PRO A 184 -18.04 -23.07 5.54
CA PRO A 184 -16.61 -22.76 5.54
C PRO A 184 -15.89 -22.80 4.19
N LEU A 185 -15.01 -21.85 3.95
CA LEU A 185 -14.13 -21.92 2.78
C LEU A 185 -13.20 -23.14 2.89
N GLY A 186 -12.92 -23.61 4.11
CA GLY A 186 -12.01 -24.73 4.29
C GLY A 186 -12.73 -26.05 4.55
N ILE A 187 -13.95 -26.18 4.02
CA ILE A 187 -14.84 -27.28 4.39
C ILE A 187 -14.26 -28.60 3.87
N ALA A 188 -13.40 -28.55 2.84
CA ALA A 188 -12.76 -29.76 2.35
C ALA A 188 -11.27 -29.86 2.73
N ASP A 189 -10.79 -28.98 3.61
CA ASP A 189 -9.37 -28.99 3.98
C ASP A 189 -9.08 -30.26 4.78
N LYS A 190 -7.81 -30.70 4.80
CA LYS A 190 -7.49 -31.96 5.48
C LYS A 190 -6.28 -31.84 6.39
N GLU A 191 -6.36 -32.50 7.56
CA GLU A 191 -5.29 -32.53 8.55
C GLU A 191 -4.73 -33.95 8.74
N GLY A 192 -4.04 -34.48 7.72
CA GLY A 192 -3.36 -35.76 7.84
C GLY A 192 -4.08 -36.86 7.10
N ALA A 194 -8.18 -37.81 7.38
CA ALA A 194 -8.19 -36.82 8.47
C ALA A 194 -8.64 -35.45 7.96
N ASN A 195 -9.95 -35.27 7.80
CA ASN A 195 -10.49 -34.01 7.31
C ASN A 195 -10.58 -32.97 8.43
N LYS A 196 -10.50 -31.69 8.03
CA LYS A 196 -10.55 -30.61 9.00
C LYS A 196 -11.91 -30.61 9.69
N TYR A 197 -12.97 -30.75 8.90
CA TYR A 197 -14.33 -30.74 9.38
C TYR A 197 -14.88 -32.16 9.35
N VAL A 198 -15.08 -32.73 10.55
CA VAL A 198 -15.59 -34.09 10.69
C VAL A 198 -17.04 -34.04 11.18
N LYS A 199 -17.50 -32.86 11.66
CA LYS A 199 -18.94 -32.67 11.80
C LYS A 199 -19.33 -31.30 11.29
N PHE A 200 -20.58 -31.20 10.83
CA PHE A 200 -21.19 -29.96 10.45
C PHE A 200 -22.69 -30.09 10.74
N ASN A 201 -23.17 -29.38 11.77
CA ASN A 201 -24.50 -29.60 12.33
C ASN A 201 -25.21 -28.26 12.51
N LEU A 202 -26.51 -28.23 12.21
CA LEU A 202 -27.36 -27.13 12.60
C LEU A 202 -28.21 -27.59 13.78
N VAL A 203 -28.38 -26.71 14.76
CA VAL A 203 -29.11 -27.04 15.98
C VAL A 203 -30.16 -25.97 16.24
N ASP A 204 -31.34 -26.41 16.70
CA ASP A 204 -32.43 -25.54 17.09
C ASP A 204 -32.91 -26.00 18.46
N LYS A 205 -33.10 -25.05 19.37
CA LYS A 205 -33.79 -25.27 20.63
C LYS A 205 -34.88 -24.21 20.72
N HIS A 206 -36.02 -24.61 21.28
CA HIS A 206 -37.23 -23.82 21.20
C HIS A 206 -38.12 -24.07 22.43
N ASP A 207 -39.13 -23.21 22.59
CA ASP A 207 -40.10 -23.29 23.67
C ASP A 207 -40.78 -24.64 23.60
N ALA A 208 -41.09 -25.20 24.80
CA ALA A 208 -41.91 -26.39 24.92
C ALA A 208 -43.23 -26.23 24.17
N ALA A 209 -43.76 -25.01 24.09
CA ALA A 209 -45.03 -24.77 23.43
C ALA A 209 -44.93 -24.79 21.90
N LEU A 210 -43.72 -24.93 21.35
CA LEU A 210 -43.52 -25.19 19.92
C LEU A 210 -43.18 -26.65 19.71
N THR A 211 -43.80 -27.28 18.71
CA THR A 211 -43.50 -28.65 18.29
C THR A 211 -42.96 -28.59 16.87
N PHE A 212 -41.75 -29.11 16.71
CA PHE A 212 -41.12 -29.31 15.41
C PHE A 212 -41.92 -30.36 14.66
N ASP A 213 -42.31 -30.04 13.43
CA ASP A 213 -43.00 -30.98 12.56
C ASP A 213 -41.94 -31.85 11.88
N ASN A 214 -41.63 -32.98 12.52
CA ASN A 214 -40.71 -33.95 11.95
C ASN A 214 -41.42 -34.75 10.85
N VAL A 215 -41.50 -34.17 9.65
CA VAL A 215 -42.28 -34.70 8.55
C VAL A 215 -41.38 -34.80 7.31
N THR A 216 -41.39 -35.96 6.64
CA THR A 216 -40.50 -36.25 5.53
C THR A 216 -41.27 -36.44 4.22
N SER A 217 -42.54 -36.02 4.15
CA SER A 217 -43.24 -35.90 2.86
C SER A 217 -44.41 -34.93 2.98
N GLY A 218 -44.85 -34.39 1.83
CA GLY A 218 -46.04 -33.55 1.77
C GLY A 218 -45.71 -32.07 1.87
N GLU A 219 -46.71 -31.27 2.21
CA GLU A 219 -46.60 -29.82 2.19
C GLU A 219 -45.57 -29.34 3.21
N TYR A 220 -45.46 -30.02 4.36
CA TYR A 220 -44.67 -29.54 5.48
C TYR A 220 -43.38 -30.35 5.69
N ALA A 221 -42.98 -31.13 4.67
CA ALA A 221 -41.71 -31.84 4.72
C ALA A 221 -40.56 -30.84 4.88
N TYR A 222 -39.56 -31.21 5.68
CA TYR A 222 -38.40 -30.37 5.85
C TYR A 222 -37.44 -30.65 4.69
N ALA A 223 -36.41 -29.85 4.59
CA ALA A 223 -35.48 -29.95 3.46
C ALA A 223 -34.17 -29.29 3.83
N LEU A 224 -33.07 -29.92 3.43
CA LEU A 224 -31.75 -29.35 3.63
C LEU A 224 -31.15 -29.06 2.25
N TYR A 225 -30.58 -27.88 2.12
CA TYR A 225 -30.09 -27.35 0.84
C TYR A 225 -28.62 -26.97 0.95
N ASP A 226 -27.87 -27.25 -0.12
CA ASP A 226 -26.60 -26.57 -0.39
C ASP A 226 -26.83 -25.59 -1.52
N GLY A 227 -26.90 -24.29 -1.20
CA GLY A 227 -27.40 -23.28 -2.14
C GLY A 227 -28.86 -23.57 -2.50
N ASP A 228 -29.14 -23.86 -3.76
CA ASP A 228 -30.52 -24.18 -4.14
C ASP A 228 -30.72 -25.68 -4.39
N THR A 229 -29.66 -26.49 -4.21
CA THR A 229 -29.73 -27.93 -4.46
C THR A 229 -30.09 -28.67 -3.18
N VAL A 230 -31.06 -29.59 -3.28
CA VAL A 230 -31.54 -30.38 -2.15
C VAL A 230 -30.54 -31.49 -1.88
N ILE A 231 -30.10 -31.58 -0.63
CA ILE A 231 -29.25 -32.67 -0.19
C ILE A 231 -30.12 -33.89 0.09
N ALA A 232 -29.70 -35.00 -0.52
CA ALA A 232 -30.42 -36.28 -0.38
C ALA A 232 -30.40 -36.76 1.08
N PRO A 233 -31.54 -37.19 1.60
CA PRO A 233 -31.65 -37.54 3.02
C PRO A 233 -30.63 -38.49 3.62
N GLU A 234 -30.09 -39.40 2.82
CA GLU A 234 -29.04 -40.30 3.29
C GLU A 234 -27.71 -39.58 3.62
N ASN A 235 -27.55 -38.33 3.19
CA ASN A 235 -26.33 -37.56 3.42
C ASN A 235 -26.42 -36.70 4.69
N TYR A 236 -27.53 -36.77 5.43
CA TYR A 236 -27.61 -36.17 6.75
C TYR A 236 -28.60 -36.94 7.62
N GLN A 237 -28.66 -36.59 8.92
CA GLN A 237 -29.56 -37.24 9.89
C GLN A 237 -30.18 -36.17 10.79
N VAL A 238 -31.51 -36.22 10.95
CA VAL A 238 -32.21 -35.36 11.89
C VAL A 238 -32.46 -36.15 13.17
N THR A 239 -32.12 -35.57 14.31
CA THR A 239 -32.41 -36.14 15.60
C THR A 239 -33.03 -35.04 16.46
N GLU A 240 -33.91 -35.46 17.38
CA GLU A 240 -34.63 -34.55 18.24
C GLU A 240 -34.10 -34.72 19.66
N GLN A 241 -33.89 -33.59 20.35
CA GLN A 241 -33.59 -33.56 21.77
C GLN A 241 -34.88 -33.09 22.47
N ALA A 242 -34.80 -32.80 23.77
CA ALA A 242 -35.84 -32.05 24.49
C ALA A 242 -36.01 -30.63 23.94
N ASN A 243 -37.13 -30.41 23.23
CA ASN A 243 -37.55 -29.11 22.74
C ASN A 243 -36.45 -28.53 21.85
N GLY A 244 -35.96 -29.36 20.93
CA GLY A 244 -34.95 -28.94 19.95
C GLY A 244 -34.59 -30.10 19.03
N PHE A 245 -33.79 -29.82 18.01
CA PHE A 245 -33.34 -30.88 17.14
C PHE A 245 -31.98 -30.52 16.56
N THR A 246 -31.35 -31.52 15.95
CA THR A 246 -30.06 -31.38 15.30
C THR A 246 -30.18 -31.95 13.90
N VAL A 247 -29.66 -31.19 12.95
CA VAL A 247 -29.44 -31.68 11.62
C VAL A 247 -27.93 -31.88 11.44
N ALA A 248 -27.50 -33.12 11.16
CA ALA A 248 -26.10 -33.50 11.15
C ALA A 248 -25.74 -34.01 9.76
N VAL A 249 -24.95 -33.22 9.01
CA VAL A 249 -24.46 -33.71 7.73
C VAL A 249 -23.54 -34.91 8.00
N ASN A 250 -23.70 -35.95 7.19
CA ASN A 250 -22.86 -37.13 7.29
C ASN A 250 -21.38 -36.75 7.14
N PRO A 251 -20.49 -37.23 8.05
CA PRO A 251 -19.06 -36.91 7.97
C PRO A 251 -18.47 -37.09 6.57
N ALA A 252 -18.85 -38.18 5.90
CA ALA A 252 -18.30 -38.50 4.60
C ALA A 252 -18.76 -37.54 3.50
N TYR A 253 -19.91 -36.88 3.65
CA TYR A 253 -20.44 -35.92 2.67
C TYR A 253 -19.98 -34.47 2.92
N ILE A 254 -19.48 -34.17 4.13
CA ILE A 254 -19.05 -32.80 4.46
C ILE A 254 -18.11 -32.23 3.38
N PRO A 255 -17.07 -32.95 2.88
CA PRO A 255 -16.17 -32.38 1.86
C PRO A 255 -16.81 -32.10 0.50
N THR A 256 -18.06 -32.54 0.28
CA THR A 256 -18.79 -32.21 -0.94
C THR A 256 -19.53 -30.87 -0.82
N LEU A 257 -19.68 -30.31 0.38
CA LEU A 257 -20.41 -29.06 0.52
C LEU A 257 -19.70 -27.95 -0.25
N THR A 258 -20.46 -26.97 -0.73
CA THR A 258 -19.89 -25.90 -1.54
C THR A 258 -19.07 -24.99 -0.63
N PRO A 259 -17.72 -24.82 -0.83
CA PRO A 259 -16.96 -23.89 0.01
C PRO A 259 -17.49 -22.47 -0.14
N GLY A 260 -17.71 -21.79 0.98
CA GLY A 260 -18.21 -20.42 0.98
C GLY A 260 -19.70 -20.29 0.60
N GLY A 261 -20.39 -21.39 0.24
CA GLY A 261 -21.82 -21.32 -0.06
C GLY A 261 -22.67 -21.17 1.21
N THR A 262 -23.94 -21.57 1.12
CA THR A 262 -24.89 -21.51 2.22
C THR A 262 -25.52 -22.88 2.43
N LEU A 263 -25.55 -23.31 3.70
CA LEU A 263 -26.33 -24.45 4.10
C LEU A 263 -27.62 -23.93 4.73
N LYS A 264 -28.76 -24.41 4.21
CA LYS A 264 -30.08 -23.91 4.59
C LYS A 264 -30.98 -25.08 4.94
N PHE A 265 -31.54 -25.05 6.17
CA PHE A 265 -32.55 -26.03 6.59
C PHE A 265 -33.90 -25.34 6.67
N VAL A 266 -34.86 -25.87 5.90
CA VAL A 266 -36.19 -25.31 5.81
C VAL A 266 -37.17 -26.31 6.43
N TYR A 267 -37.88 -25.90 7.46
CA TYR A 267 -38.74 -26.81 8.22
C TYR A 267 -39.99 -26.06 8.71
N PHE A 268 -40.84 -26.79 9.46
CA PHE A 268 -42.10 -26.26 9.99
C PHE A 268 -42.20 -26.64 11.47
N MET A 269 -42.72 -25.69 12.27
CA MET A 269 -43.12 -25.95 13.64
C MET A 269 -44.51 -25.37 13.85
N HIS A 270 -45.16 -25.74 14.95
CA HIS A 270 -46.39 -25.09 15.34
C HIS A 270 -46.48 -24.98 16.85
N LEU A 271 -47.28 -24.00 17.29
CA LEU A 271 -47.67 -23.90 18.68
C LEU A 271 -48.60 -25.07 19.03
N ASN A 272 -48.26 -25.76 20.13
CA ASN A 272 -49.03 -26.91 20.59
C ASN A 272 -49.99 -26.48 21.70
N GLU A 273 -50.53 -27.46 22.42
CA GLU A 273 -51.58 -27.21 23.40
C GLU A 273 -51.06 -26.40 24.59
N LYS A 274 -49.72 -26.30 24.75
CA LYS A 274 -49.16 -25.61 25.90
C LYS A 274 -49.11 -24.10 25.66
N ALA A 275 -49.35 -23.66 24.42
CA ALA A 275 -49.27 -22.25 24.07
C ALA A 275 -50.50 -21.49 24.60
N ASP A 276 -50.28 -20.23 25.00
CA ASP A 276 -51.36 -19.33 25.32
C ASP A 276 -50.92 -17.93 24.91
N PRO A 277 -51.80 -16.90 24.98
CA PRO A 277 -51.43 -15.56 24.54
C PRO A 277 -50.65 -14.67 25.51
N THR A 278 -50.21 -15.24 26.65
CA THR A 278 -49.55 -14.50 27.71
C THR A 278 -48.03 -14.47 27.53
N LYS A 279 -47.45 -15.36 26.72
CA LYS A 279 -45.99 -15.47 26.53
C LYS A 279 -45.64 -15.28 25.05
N GLY A 280 -44.36 -14.97 24.79
CA GLY A 280 -43.78 -15.14 23.47
C GLY A 280 -43.18 -16.54 23.37
N PHE A 281 -43.13 -17.11 22.17
CA PHE A 281 -42.58 -18.45 21.97
C PHE A 281 -41.35 -18.33 21.09
N LYS A 282 -40.18 -18.62 21.67
CA LYS A 282 -38.91 -18.34 21.02
C LYS A 282 -38.25 -19.64 20.58
N ASN A 283 -37.45 -19.53 19.53
CA ASN A 283 -36.51 -20.56 19.17
C ASN A 283 -35.19 -19.85 18.85
N GLU A 284 -34.11 -20.64 18.84
CA GLU A 284 -32.75 -20.16 18.65
C GLU A 284 -32.01 -21.26 17.90
N ALA A 285 -31.12 -20.84 17.01
CA ALA A 285 -30.35 -21.76 16.19
C ALA A 285 -28.86 -21.40 16.24
N ASN A 286 -28.03 -22.38 15.88
CA ASN A 286 -26.60 -22.21 15.80
C ASN A 286 -26.02 -23.38 15.01
N VAL A 287 -24.71 -23.29 14.75
CA VAL A 287 -24.00 -24.32 14.03
C VAL A 287 -23.04 -24.99 14.99
N ASP A 288 -22.76 -26.27 14.70
CA ASP A 288 -21.73 -27.03 15.41
C ASP A 288 -20.85 -27.75 14.39
N ASN A 289 -19.59 -27.27 14.23
CA ASN A 289 -18.70 -27.81 13.22
C ASN A 289 -17.33 -28.18 13.79
N GLY A 290 -17.19 -28.15 15.11
CA GLY A 290 -15.92 -28.43 15.76
C GLY A 290 -15.01 -27.20 15.86
N HIS A 291 -15.36 -26.09 15.22
CA HIS A 291 -14.42 -25.00 15.03
C HIS A 291 -15.00 -23.65 15.41
N THR A 292 -16.13 -23.28 14.81
CA THR A 292 -16.58 -21.90 14.88
C THR A 292 -18.08 -21.95 15.00
N ASP A 293 -18.65 -20.88 15.56
CA ASP A 293 -20.07 -20.74 15.72
C ASP A 293 -20.42 -19.26 15.84
N ASP A 294 -21.71 -18.94 15.95
CA ASP A 294 -22.22 -17.59 16.08
C ASP A 294 -22.25 -17.21 17.55
N GLN A 295 -21.59 -16.09 17.91
CA GLN A 295 -21.55 -15.61 19.28
C GLN A 295 -22.83 -14.88 19.68
N THR A 296 -23.64 -14.45 18.69
CA THR A 296 -24.94 -13.84 18.90
C THR A 296 -25.98 -14.65 18.11
N PRO A 297 -26.38 -15.82 18.63
CA PRO A 297 -27.16 -16.79 17.84
C PRO A 297 -28.48 -16.14 17.45
N PRO A 298 -29.06 -16.42 16.26
CA PRO A 298 -30.35 -15.82 15.86
C PRO A 298 -31.50 -16.43 16.65
N THR A 299 -32.46 -15.57 17.01
CA THR A 299 -33.71 -16.00 17.62
C THR A 299 -34.87 -15.52 16.75
N VAL A 300 -35.98 -16.26 16.84
CA VAL A 300 -37.26 -15.81 16.34
C VAL A 300 -38.26 -16.05 17.47
N GLU A 301 -39.20 -15.13 17.58
CA GLU A 301 -40.30 -15.25 18.52
C GLU A 301 -41.61 -15.13 17.76
N VAL A 302 -42.58 -15.93 18.17
CA VAL A 302 -43.93 -15.82 17.63
C VAL A 302 -44.88 -15.73 18.80
N VAL A 303 -46.06 -15.18 18.54
CA VAL A 303 -47.05 -14.95 19.56
C VAL A 303 -48.39 -15.40 19.02
N THR A 304 -49.32 -15.65 19.93
CA THR A 304 -50.68 -15.86 19.52
C THR A 304 -51.57 -14.90 20.32
N GLY A 305 -52.83 -14.83 19.95
CA GLY A 305 -53.69 -13.74 20.40
C GLY A 305 -54.83 -14.29 21.26
N GLY A 306 -55.46 -13.42 22.03
CA GLY A 306 -56.66 -13.84 22.74
C GLY A 306 -57.49 -12.64 23.19
N LYS A 307 -58.73 -12.94 23.68
CA LYS A 307 -59.64 -11.93 24.18
C LYS A 307 -60.53 -12.59 25.23
N ARG A 308 -60.85 -11.82 26.27
CA ARG A 308 -61.73 -12.30 27.32
C ARG A 308 -62.93 -11.37 27.43
N PHE A 309 -64.12 -11.96 27.67
CA PHE A 309 -65.35 -11.21 27.90
C PHE A 309 -65.95 -11.70 29.21
N ILE A 310 -66.77 -10.86 29.85
CA ILE A 310 -67.59 -11.29 30.97
C ILE A 310 -69.04 -10.83 30.75
N LYS A 311 -69.98 -11.79 30.81
CA LYS A 311 -71.40 -11.52 30.67
C LYS A 311 -72.00 -11.05 32.00
N VAL A 312 -72.65 -9.87 31.99
CA VAL A 312 -73.18 -9.24 33.19
C VAL A 312 -74.58 -8.68 32.94
N ASP A 313 -75.20 -8.07 33.96
CA ASP A 313 -76.49 -7.40 33.82
C ASP A 313 -76.32 -5.88 33.68
N ALA A 321 -72.53 -10.97 37.15
CA ALA A 321 -71.98 -11.98 36.20
C ALA A 321 -73.03 -13.04 35.92
N LEU A 322 -73.28 -13.33 34.63
CA LEU A 322 -74.39 -14.20 34.25
C LEU A 322 -73.85 -15.47 33.62
N ALA A 323 -74.45 -16.60 34.03
CA ALA A 323 -74.15 -17.91 33.48
C ALA A 323 -75.19 -18.30 32.43
N GLY A 324 -74.86 -19.30 31.61
CA GLY A 324 -75.81 -19.82 30.64
C GLY A 324 -75.74 -19.11 29.27
N ALA A 325 -74.87 -18.10 29.12
CA ALA A 325 -74.77 -17.37 27.85
C ALA A 325 -73.82 -18.09 26.91
N SER A 326 -74.27 -18.29 25.66
CA SER A 326 -73.50 -19.03 24.69
C SER A 326 -73.14 -18.10 23.54
N PHE A 327 -71.90 -18.22 23.06
CA PHE A 327 -71.40 -17.38 21.97
C PHE A 327 -70.59 -18.18 20.96
N VAL A 328 -70.46 -17.62 19.75
CA VAL A 328 -69.52 -18.07 18.75
C VAL A 328 -68.73 -16.86 18.28
N VAL A 329 -67.63 -17.11 17.57
CA VAL A 329 -66.79 -16.03 17.06
C VAL A 329 -66.80 -16.08 15.54
N ARG A 330 -67.09 -14.94 14.94
CA ARG A 330 -67.08 -14.76 13.49
C ARG A 330 -65.87 -13.92 13.10
N ASP A 331 -65.36 -14.15 11.89
CA ASP A 331 -64.21 -13.42 11.37
C ASP A 331 -64.65 -12.27 10.46
N GLN A 332 -65.95 -12.00 10.42
CA GLN A 332 -66.50 -10.85 9.72
C GLN A 332 -67.90 -10.61 10.26
N ASN A 333 -68.37 -9.36 10.26
CA ASN A 333 -69.69 -9.02 10.77
C ASN A 333 -70.77 -9.30 9.71
N SER A 334 -71.01 -10.58 9.42
CA SER A 334 -71.92 -10.95 8.34
C SER A 334 -72.31 -12.41 8.48
N ASP A 335 -73.44 -12.81 7.91
CA ASP A 335 -74.03 -14.12 8.15
C ASP A 335 -73.27 -15.22 7.39
N THR A 336 -72.54 -14.86 6.33
CA THR A 336 -71.77 -15.84 5.58
C THR A 336 -70.34 -15.93 6.09
N ALA A 337 -69.98 -15.13 7.09
CA ALA A 337 -68.63 -15.22 7.73
C ALA A 337 -68.33 -16.63 8.25
N ASN A 338 -67.05 -16.91 8.49
CA ASN A 338 -66.67 -18.20 9.05
C ASN A 338 -66.95 -18.25 10.57
N TYR A 339 -66.81 -19.44 11.14
CA TYR A 339 -66.95 -19.62 12.58
C TYR A 339 -65.65 -20.13 13.17
N LEU A 340 -65.29 -19.63 14.35
CA LEU A 340 -64.10 -20.09 15.03
C LEU A 340 -64.30 -21.51 15.52
N LYS A 341 -63.28 -22.37 15.27
CA LYS A 341 -63.21 -23.72 15.80
C LYS A 341 -61.90 -23.91 16.58
N ILE A 342 -62.03 -24.39 17.82
CA ILE A 342 -60.91 -24.70 18.68
C ILE A 342 -60.91 -26.19 18.95
N ASP A 343 -59.85 -26.86 18.47
CA ASP A 343 -59.70 -28.30 18.63
C ASP A 343 -59.48 -28.58 20.12
N GLU A 344 -60.25 -29.52 20.68
CA GLU A 344 -60.28 -29.79 22.11
C GLU A 344 -58.93 -30.31 22.60
N THR A 345 -58.25 -31.10 21.76
CA THR A 345 -57.01 -31.78 22.12
C THR A 345 -55.80 -30.89 21.85
N THR A 346 -55.66 -30.34 20.63
CA THR A 346 -54.46 -29.60 20.26
C THR A 346 -54.59 -28.11 20.58
N LYS A 347 -55.83 -27.63 20.83
CA LYS A 347 -56.14 -26.22 21.01
C LYS A 347 -55.89 -25.47 19.70
N ALA A 348 -55.74 -26.20 18.58
CA ALA A 348 -55.55 -25.56 17.28
C ALA A 348 -56.83 -24.85 16.85
N ALA A 349 -56.64 -23.67 16.25
CA ALA A 349 -57.68 -22.72 15.96
C ALA A 349 -57.80 -22.61 14.45
N THR A 350 -59.02 -22.86 13.98
CA THR A 350 -59.30 -22.90 12.56
C THR A 350 -60.65 -22.21 12.36
N TRP A 351 -60.98 -22.01 11.09
CA TRP A 351 -62.23 -21.37 10.70
C TRP A 351 -63.09 -22.33 9.88
N VAL A 352 -64.36 -22.43 10.26
CA VAL A 352 -65.27 -23.38 9.68
C VAL A 352 -66.50 -22.64 9.16
N LYS A 353 -67.21 -23.27 8.22
CA LYS A 353 -68.24 -22.56 7.46
C LYS A 353 -69.60 -22.60 8.15
N THR A 354 -69.82 -23.46 9.15
CA THR A 354 -71.16 -23.59 9.70
C THR A 354 -71.12 -23.47 11.22
N LYS A 355 -72.29 -23.17 11.77
CA LYS A 355 -72.48 -23.04 13.20
C LYS A 355 -72.27 -24.40 13.88
N ALA A 356 -72.71 -25.46 13.22
CA ALA A 356 -72.61 -26.81 13.74
C ALA A 356 -71.14 -27.16 13.99
N GLU A 357 -70.24 -26.75 13.09
CA GLU A 357 -68.82 -27.08 13.18
C GLU A 357 -68.08 -26.15 14.12
N ALA A 358 -68.72 -25.06 14.58
CA ALA A 358 -68.07 -24.04 15.39
C ALA A 358 -67.85 -24.49 16.83
N THR A 359 -66.93 -23.81 17.51
CA THR A 359 -66.80 -23.89 18.95
C THR A 359 -67.77 -22.89 19.57
N THR A 360 -68.56 -23.36 20.56
CA THR A 360 -69.42 -22.51 21.37
C THR A 360 -68.75 -22.27 22.70
N PHE A 361 -68.76 -21.01 23.15
CA PHE A 361 -68.26 -20.62 24.46
C PHE A 361 -69.48 -20.32 25.33
N THR A 362 -69.66 -21.12 26.40
CA THR A 362 -70.80 -20.95 27.29
C THR A 362 -70.29 -20.50 28.65
N THR A 363 -70.87 -19.41 29.15
CA THR A 363 -70.46 -18.82 30.41
C THR A 363 -70.98 -19.69 31.55
N THR A 364 -70.10 -19.88 32.56
CA THR A 364 -70.47 -20.45 33.84
C THR A 364 -70.75 -19.30 34.82
N ALA A 365 -70.75 -19.61 36.12
CA ALA A 365 -71.10 -18.65 37.15
C ALA A 365 -70.18 -17.43 37.12
N ASP A 366 -68.92 -17.61 36.68
CA ASP A 366 -67.97 -16.50 36.62
C ASP A 366 -68.25 -15.57 35.43
N GLY A 367 -69.00 -16.03 34.43
CA GLY A 367 -69.53 -15.20 33.36
C GLY A 367 -68.52 -14.98 32.23
N LEU A 368 -67.40 -15.72 32.28
CA LEU A 368 -66.26 -15.44 31.44
C LEU A 368 -66.36 -16.19 30.11
N VAL A 369 -65.84 -15.52 29.06
CA VAL A 369 -65.57 -16.13 27.77
C VAL A 369 -64.09 -15.89 27.49
N ASP A 370 -63.34 -16.97 27.22
CA ASP A 370 -61.89 -16.92 27.16
C ASP A 370 -61.49 -17.45 25.77
N ILE A 371 -61.30 -16.51 24.84
CA ILE A 371 -60.97 -16.84 23.45
C ILE A 371 -59.45 -16.71 23.26
N THR A 372 -58.79 -17.82 22.89
CA THR A 372 -57.34 -17.90 22.88
C THR A 372 -56.89 -18.67 21.65
N GLY A 373 -55.74 -18.23 21.12
CA GLY A 373 -55.02 -18.94 20.08
C GLY A 373 -55.32 -18.37 18.70
N LEU A 374 -55.86 -17.13 18.63
CA LEU A 374 -56.21 -16.51 17.35
C LEU A 374 -55.01 -15.73 16.83
N LYS A 375 -54.98 -15.48 15.52
CA LYS A 375 -54.13 -14.44 14.98
C LYS A 375 -54.72 -13.08 15.36
N TYR A 376 -53.85 -12.06 15.34
CA TYR A 376 -54.24 -10.68 15.55
C TYR A 376 -55.24 -10.30 14.45
N GLY A 377 -56.11 -9.33 14.73
CA GLY A 377 -57.14 -8.91 13.79
C GLY A 377 -58.43 -8.52 14.51
N THR A 378 -59.46 -8.19 13.71
CA THR A 378 -60.75 -7.76 14.24
C THR A 378 -61.75 -8.91 14.02
N TYR A 379 -62.47 -9.24 15.10
CA TYR A 379 -63.40 -10.36 15.09
C TYR A 379 -64.72 -9.95 15.72
N TYR A 380 -65.73 -10.80 15.56
CA TYR A 380 -67.07 -10.48 16.04
C TYR A 380 -67.60 -11.58 16.94
N LEU A 381 -67.94 -11.18 18.17
CA LEU A 381 -68.59 -12.10 19.10
C LEU A 381 -70.09 -12.07 18.85
N GLU A 382 -70.67 -13.28 18.70
CA GLU A 382 -72.08 -13.44 18.37
C GLU A 382 -72.75 -14.32 19.43
N GLU A 383 -73.72 -13.76 20.16
CA GLU A 383 -74.46 -14.50 21.16
C GLU A 383 -75.49 -15.40 20.49
N THR A 384 -75.43 -16.69 20.81
CA THR A 384 -76.31 -17.69 20.23
C THR A 384 -77.41 -18.13 21.21
N VAL A 385 -77.23 -18.00 22.54
CA VAL A 385 -78.26 -18.38 23.51
C VAL A 385 -78.29 -17.37 24.68
N TYR A 390 -83.16 -13.35 29.88
CA TYR A 390 -82.61 -12.06 29.41
C TYR A 390 -82.76 -11.93 27.90
N VAL A 391 -82.54 -10.70 27.40
CA VAL A 391 -82.68 -10.38 25.98
C VAL A 391 -81.46 -10.87 25.19
N LEU A 392 -81.74 -11.69 24.16
CA LEU A 392 -80.72 -12.14 23.23
C LEU A 392 -80.25 -10.94 22.41
N LEU A 393 -78.92 -10.77 22.30
CA LEU A 393 -78.38 -9.57 21.70
C LEU A 393 -78.74 -9.57 20.22
N THR A 394 -78.94 -8.36 19.66
CA THR A 394 -79.38 -8.22 18.29
C THR A 394 -78.23 -7.76 17.39
N ASN A 395 -77.05 -7.52 17.97
CA ASN A 395 -75.89 -7.17 17.16
C ASN A 395 -74.68 -7.92 17.70
N ARG A 396 -73.68 -8.10 16.83
CA ARG A 396 -72.42 -8.68 17.27
C ARG A 396 -71.57 -7.61 17.95
N ILE A 397 -70.60 -8.06 18.75
CA ILE A 397 -69.65 -7.16 19.39
C ILE A 397 -68.31 -7.33 18.71
N GLU A 398 -67.88 -6.27 18.05
CA GLU A 398 -66.60 -6.23 17.37
C GLU A 398 -65.49 -6.15 18.41
N PHE A 399 -64.43 -6.95 18.24
CA PHE A 399 -63.31 -6.89 19.18
C PHE A 399 -61.98 -7.06 18.44
N VAL A 400 -60.95 -6.39 18.98
CA VAL A 400 -59.60 -6.47 18.46
C VAL A 400 -58.80 -7.50 19.26
N VAL A 401 -58.02 -8.29 18.51
CA VAL A 401 -57.02 -9.16 19.11
C VAL A 401 -55.66 -8.60 18.72
N ASN A 402 -54.80 -8.34 19.73
CA ASN A 402 -53.49 -7.79 19.44
C ASN A 402 -52.60 -7.89 20.67
N GLU A 403 -51.42 -7.24 20.62
CA GLU A 403 -50.43 -7.34 21.69
C GLU A 403 -51.00 -6.94 23.04
N GLN A 404 -52.02 -6.07 23.07
CA GLN A 404 -52.53 -5.50 24.31
C GLN A 404 -53.92 -6.03 24.68
N SER A 405 -54.42 -7.09 24.01
CA SER A 405 -55.83 -7.43 24.11
C SER A 405 -56.13 -8.44 25.21
N TYR A 406 -55.10 -9.13 25.75
CA TYR A 406 -55.28 -10.29 26.62
C TYR A 406 -54.52 -10.10 27.94
N GLY A 407 -53.23 -9.79 27.86
CA GLY A 407 -52.41 -9.47 29.02
C GLY A 407 -51.32 -10.52 29.26
N THR A 408 -50.62 -10.42 30.40
CA THR A 408 -49.73 -11.45 30.89
C THR A 408 -50.39 -12.23 32.04
N THR A 409 -49.75 -13.32 32.52
CA THR A 409 -50.35 -14.21 33.50
C THR A 409 -50.54 -13.46 34.82
N GLU A 410 -49.55 -12.63 35.14
CA GLU A 410 -49.57 -11.83 36.35
C GLU A 410 -50.66 -10.75 36.23
N ASN A 411 -50.76 -10.08 35.07
CA ASN A 411 -51.74 -9.03 34.88
C ASN A 411 -52.53 -9.25 33.59
N LEU A 412 -53.57 -10.08 33.69
CA LEU A 412 -54.54 -10.26 32.62
C LEU A 412 -55.38 -8.98 32.49
N VAL A 413 -55.62 -8.55 31.26
CA VAL A 413 -56.51 -7.42 30.98
C VAL A 413 -57.91 -7.79 31.46
N SER A 414 -58.61 -6.81 32.09
CA SER A 414 -59.98 -6.93 32.55
C SER A 414 -60.86 -7.39 31.39
N PRO A 415 -61.71 -8.43 31.57
CA PRO A 415 -62.62 -8.88 30.49
C PRO A 415 -63.57 -7.77 30.05
N GLU A 416 -63.85 -7.68 28.74
CA GLU A 416 -64.82 -6.72 28.22
C GLU A 416 -66.24 -7.13 28.63
N LYS A 417 -66.95 -6.22 29.32
CA LYS A 417 -68.30 -6.49 29.75
C LYS A 417 -69.26 -6.58 28.57
N VAL A 418 -70.14 -7.59 28.63
CA VAL A 418 -71.25 -7.74 27.72
C VAL A 418 -72.53 -7.61 28.54
N PRO A 419 -73.19 -6.43 28.55
CA PRO A 419 -74.42 -6.25 29.34
C PRO A 419 -75.65 -6.92 28.71
N ASN A 420 -76.65 -7.24 29.53
CA ASN A 420 -77.81 -7.98 29.05
C ASN A 420 -79.11 -7.21 29.34
N ASN B 24 -14.52 15.81 4.82
CA ASN B 24 -14.73 16.97 5.73
C ASN B 24 -13.39 17.43 6.29
N ASP B 25 -12.76 16.62 7.14
CA ASP B 25 -11.53 17.11 7.83
C ASP B 25 -10.31 16.30 7.39
N GLY B 26 -10.52 15.30 6.54
CA GLY B 26 -9.39 14.51 6.01
C GLY B 26 -8.52 15.34 5.08
N SER B 27 -7.22 15.07 5.08
CA SER B 27 -6.30 15.86 4.26
C SER B 27 -5.16 15.01 3.73
N LEU B 28 -4.55 15.45 2.61
CA LEU B 28 -3.41 14.80 1.99
C LEU B 28 -2.24 15.78 1.93
N HIS B 29 -1.07 15.31 2.33
CA HIS B 29 0.13 16.12 2.25
C HIS B 29 1.21 15.37 1.47
N VAL B 30 1.61 15.96 0.34
CA VAL B 30 2.54 15.36 -0.61
C VAL B 30 3.84 16.16 -0.56
N LYS B 31 4.98 15.46 -0.60
CA LYS B 31 6.28 16.04 -0.83
C LYS B 31 6.78 15.49 -2.16
N LYS B 32 6.89 16.37 -3.14
CA LYS B 32 7.42 16.05 -4.44
C LYS B 32 8.90 16.40 -4.45
N VAL B 33 9.74 15.42 -4.80
CA VAL B 33 11.20 15.61 -4.75
C VAL B 33 11.82 15.09 -6.05
N GLY B 34 13.00 15.63 -6.37
CA GLY B 34 13.80 15.11 -7.48
C GLY B 34 14.77 14.04 -7.01
N THR B 35 15.10 13.10 -7.89
CA THR B 35 16.01 12.00 -7.59
C THR B 35 17.47 12.45 -7.49
N ALA B 36 17.84 13.58 -8.09
CA ALA B 36 19.22 14.06 -8.07
C ALA B 36 19.68 14.38 -6.65
N GLU B 37 18.97 15.28 -5.95
CA GLU B 37 19.42 15.70 -4.63
C GLU B 37 18.30 15.60 -3.59
N ASN B 38 17.24 14.87 -3.89
CA ASN B 38 16.07 14.83 -3.03
C ASN B 38 15.55 16.26 -2.82
N GLU B 39 15.63 17.10 -3.86
CA GLU B 39 15.25 18.50 -3.74
C GLU B 39 13.75 18.64 -3.98
N GLY B 40 13.08 19.61 -3.34
CA GLY B 40 11.63 19.80 -3.50
C GLY B 40 11.33 20.43 -4.86
N LEU B 41 10.28 19.98 -5.56
CA LEU B 41 9.97 20.46 -6.92
C LEU B 41 8.56 21.02 -7.01
N ASN B 42 8.46 22.27 -7.50
CA ASN B 42 7.21 22.95 -7.75
C ASN B 42 6.80 22.72 -9.19
N GLY B 43 5.47 22.79 -9.44
CA GLY B 43 4.94 22.77 -10.79
C GLY B 43 4.67 21.35 -11.30
N ALA B 44 4.80 20.33 -10.42
CA ALA B 44 4.24 19.03 -10.73
C ALA B 44 2.71 19.09 -10.64
N GLU B 45 2.01 18.51 -11.62
CA GLU B 45 0.56 18.63 -11.67
C GLU B 45 -0.04 17.24 -11.47
N PHE B 46 -1.02 17.20 -10.54
CA PHE B 46 -1.70 15.97 -10.16
C PHE B 46 -3.19 16.10 -10.36
N VAL B 47 -3.85 14.95 -10.68
CA VAL B 47 -5.29 14.82 -10.48
C VAL B 47 -5.57 13.85 -9.34
N ILE B 48 -6.78 13.93 -8.76
CA ILE B 48 -7.18 13.05 -7.66
C ILE B 48 -8.39 12.24 -8.10
N SER B 49 -8.25 10.90 -8.14
CA SER B 49 -9.35 10.07 -8.60
C SER B 49 -9.86 9.16 -7.48
N LYS B 50 -11.02 8.59 -7.73
CA LYS B 50 -11.61 7.57 -6.88
C LYS B 50 -12.38 6.64 -7.81
N SER B 51 -12.68 5.45 -7.30
CA SER B 51 -13.40 4.45 -8.07
C SER B 51 -14.69 4.12 -7.34
N GLU B 52 -15.82 4.38 -7.99
CA GLU B 52 -17.12 4.03 -7.39
C GLU B 52 -17.92 3.16 -8.36
N GLY B 53 -18.53 2.09 -7.84
CA GLY B 53 -19.37 1.24 -8.68
C GLY B 53 -18.85 -0.17 -8.81
N SER B 54 -19.57 -1.01 -9.57
CA SER B 54 -19.18 -2.42 -9.80
C SER B 54 -19.65 -2.82 -11.20
N PRO B 55 -18.82 -2.74 -12.26
CA PRO B 55 -17.38 -2.63 -12.13
C PRO B 55 -17.10 -1.17 -11.88
N GLY B 56 -15.90 -0.87 -11.45
CA GLY B 56 -15.65 0.52 -11.06
C GLY B 56 -15.46 1.54 -12.16
N THR B 57 -16.16 2.65 -12.04
CA THR B 57 -15.90 3.78 -12.93
C THR B 57 -15.06 4.80 -12.16
N VAL B 58 -14.03 5.30 -12.84
CA VAL B 58 -13.12 6.27 -12.26
C VAL B 58 -13.75 7.65 -12.36
N LYS B 59 -13.57 8.45 -11.31
CA LYS B 59 -14.02 9.83 -11.27
C LYS B 59 -12.90 10.69 -10.70
N TYR B 60 -12.82 11.96 -11.18
CA TYR B 60 -11.78 12.91 -10.77
C TYR B 60 -12.41 14.12 -10.10
N ILE B 61 -11.71 14.72 -9.14
CA ILE B 61 -12.15 15.99 -8.59
C ILE B 61 -12.15 17.03 -9.70
N GLN B 62 -13.29 17.72 -9.82
CA GLN B 62 -13.46 18.73 -10.86
C GLN B 62 -13.56 20.11 -10.25
N GLY B 63 -14.42 20.25 -9.23
CA GLY B 63 -14.62 21.55 -8.61
C GLY B 63 -15.22 21.38 -7.23
N VAL B 64 -15.99 22.40 -6.84
CA VAL B 64 -16.51 22.50 -5.49
C VAL B 64 -17.95 23.00 -5.58
N LYS B 65 -18.82 22.41 -4.75
CA LYS B 65 -20.21 22.83 -4.70
C LYS B 65 -20.77 22.45 -3.33
N ASP B 66 -21.23 23.46 -2.61
CA ASP B 66 -21.97 23.27 -1.37
C ASP B 66 -21.09 22.53 -0.36
N GLY B 67 -19.86 23.00 -0.18
CA GLY B 67 -18.96 22.48 0.85
C GLY B 67 -18.30 21.16 0.45
N LEU B 68 -18.57 20.67 -0.77
CA LEU B 68 -18.06 19.38 -1.19
C LEU B 68 -17.31 19.56 -2.51
N TYR B 69 -16.32 18.70 -2.71
CA TYR B 69 -15.72 18.57 -4.03
C TYR B 69 -16.75 17.93 -4.96
N THR B 70 -16.81 18.42 -6.21
CA THR B 70 -17.58 17.80 -7.26
C THR B 70 -16.64 16.91 -8.07
N TRP B 71 -17.22 15.95 -8.79
CA TRP B 71 -16.50 14.93 -9.50
C TRP B 71 -16.91 14.83 -10.97
N THR B 72 -15.94 14.57 -11.84
CA THR B 72 -16.23 14.30 -13.24
C THR B 72 -15.62 12.95 -13.61
N THR B 73 -16.22 12.25 -14.57
CA THR B 73 -15.56 11.10 -15.18
C THR B 73 -14.63 11.53 -16.33
N ASP B 74 -14.63 12.82 -16.68
CA ASP B 74 -13.78 13.32 -17.76
C ASP B 74 -12.47 13.86 -17.20
N LYS B 75 -11.36 13.16 -17.49
CA LYS B 75 -10.07 13.54 -16.95
C LYS B 75 -9.59 14.88 -17.48
N GLU B 76 -10.02 15.24 -18.70
CA GLU B 76 -9.71 16.56 -19.26
C GLU B 76 -10.27 17.68 -18.39
N GLN B 77 -11.34 17.42 -17.63
CA GLN B 77 -11.97 18.44 -16.79
C GLN B 77 -11.51 18.32 -15.33
N ALA B 78 -10.60 17.38 -15.04
CA ALA B 78 -10.16 17.18 -13.68
C ALA B 78 -9.36 18.39 -13.22
N LYS B 79 -9.56 18.76 -11.97
CA LYS B 79 -8.71 19.78 -11.38
C LYS B 79 -7.26 19.29 -11.34
N ARG B 80 -6.39 20.20 -11.73
CA ARG B 80 -4.94 19.96 -11.69
C ARG B 80 -4.44 20.57 -10.37
N PHE B 81 -4.07 19.73 -9.43
CA PHE B 81 -3.43 20.17 -8.21
C PHE B 81 -1.91 20.27 -8.44
N ILE B 82 -1.35 21.41 -8.00
CA ILE B 82 0.02 21.71 -8.35
C ILE B 82 0.89 21.80 -7.11
N THR B 83 2.07 21.13 -7.16
CA THR B 83 3.02 21.17 -6.06
C THR B 83 3.53 22.59 -5.87
N GLY B 84 3.61 23.00 -4.60
CA GLY B 84 3.88 24.39 -4.23
C GLY B 84 2.61 25.18 -3.95
N LYS B 85 1.45 24.52 -4.04
CA LYS B 85 0.17 25.10 -3.71
C LYS B 85 -0.55 24.24 -2.67
N SER B 86 -1.42 24.88 -1.89
CA SER B 86 -2.36 24.19 -1.01
C SER B 86 -3.79 24.53 -1.44
N TYR B 87 -4.72 23.61 -1.18
CA TYR B 87 -6.09 23.71 -1.71
C TYR B 87 -7.04 23.29 -0.59
N GLU B 88 -8.11 24.06 -0.39
CA GLU B 88 -9.20 23.64 0.46
C GLU B 88 -10.52 24.12 -0.16
N ILE B 89 -11.64 23.73 0.45
CA ILE B 89 -12.93 24.10 -0.09
C ILE B 89 -13.26 25.53 0.34
N GLY B 90 -13.53 26.38 -0.65
CA GLY B 90 -14.05 27.71 -0.39
C GLY B 90 -15.53 27.76 -0.71
N GLU B 91 -16.03 28.98 -0.94
CA GLU B 91 -17.42 29.21 -1.29
C GLU B 91 -17.64 28.95 -2.78
N ASN B 92 -18.05 27.72 -3.11
CA ASN B 92 -18.28 27.28 -4.48
C ASN B 92 -17.07 27.60 -5.35
N ASP B 93 -15.87 27.40 -4.79
CA ASP B 93 -14.63 27.43 -5.53
C ASP B 93 -13.49 26.96 -4.61
N PHE B 94 -12.38 26.54 -5.24
CA PHE B 94 -11.17 26.14 -4.54
C PHE B 94 -10.56 27.36 -3.88
N THR B 95 -10.17 27.25 -2.61
CA THR B 95 -9.31 28.25 -2.01
C THR B 95 -7.87 27.78 -2.08
N GLU B 96 -7.06 28.46 -2.90
CA GLU B 96 -5.64 28.16 -3.06
C GLU B 96 -4.73 29.11 -2.28
N ALA B 97 -3.60 28.58 -1.79
CA ALA B 97 -2.53 29.42 -1.26
C ALA B 97 -1.16 28.82 -1.59
N GLU B 98 -0.10 29.62 -1.44
CA GLU B 98 1.26 29.16 -1.69
C GLU B 98 1.64 28.20 -0.57
N ASN B 99 2.28 27.10 -0.96
CA ASN B 99 2.75 26.07 -0.04
C ASN B 99 4.29 26.07 -0.01
N GLY B 100 4.86 25.26 0.89
CA GLY B 100 6.30 25.01 0.86
C GLY B 100 6.76 24.37 -0.44
N THR B 101 8.05 24.58 -0.78
CA THR B 101 8.63 24.08 -2.01
C THR B 101 8.40 22.58 -2.13
N GLY B 102 7.81 22.16 -3.25
CA GLY B 102 7.56 20.77 -3.52
C GLY B 102 6.43 20.19 -2.66
N GLU B 103 5.63 21.05 -2.00
CA GLU B 103 4.58 20.52 -1.16
C GLU B 103 3.22 20.73 -1.84
N LEU B 104 2.33 19.76 -1.67
CA LEU B 104 0.97 19.87 -2.14
C LEU B 104 0.08 19.44 -0.98
N THR B 105 -0.86 20.32 -0.62
CA THR B 105 -1.80 20.00 0.45
C THR B 105 -3.21 20.09 -0.13
N VAL B 106 -4.01 19.06 0.11
CA VAL B 106 -5.41 19.04 -0.28
C VAL B 106 -6.22 18.72 0.97
N LYS B 107 -7.05 19.66 1.42
CA LYS B 107 -7.85 19.51 2.64
C LYS B 107 -9.29 19.19 2.27
N ASN B 108 -10.08 18.85 3.29
CA ASN B 108 -11.55 18.64 3.11
C ASN B 108 -11.85 17.40 2.25
N LEU B 109 -11.00 16.37 2.32
CA LEU B 109 -11.34 15.14 1.64
C LEU B 109 -12.26 14.29 2.52
N GLU B 110 -13.28 13.71 1.88
CA GLU B 110 -14.20 12.74 2.45
C GLU B 110 -13.46 11.42 2.63
N VAL B 111 -13.89 10.65 3.64
CA VAL B 111 -13.39 9.31 3.89
C VAL B 111 -13.46 8.44 2.62
N GLY B 112 -12.49 7.53 2.48
CA GLY B 112 -12.45 6.68 1.29
C GLY B 112 -11.04 6.57 0.68
N SER B 113 -10.94 5.70 -0.33
CA SER B 113 -9.70 5.38 -1.00
C SER B 113 -9.63 6.17 -2.31
N TYR B 114 -8.43 6.63 -2.63
CA TYR B 114 -8.24 7.53 -3.75
C TYR B 114 -6.93 7.20 -4.45
N ILE B 115 -6.71 7.84 -5.61
CA ILE B 115 -5.45 7.74 -6.30
C ILE B 115 -4.99 9.18 -6.59
N LEU B 116 -3.77 9.49 -6.18
CA LEU B 116 -3.16 10.75 -6.57
C LEU B 116 -2.36 10.46 -7.84
N GLU B 117 -2.74 11.11 -8.95
CA GLU B 117 -2.17 10.73 -10.23
C GLU B 117 -1.42 11.91 -10.84
N GLU B 118 -0.12 11.69 -11.08
CA GLU B 118 0.74 12.73 -11.63
C GLU B 118 0.51 12.84 -13.12
N VAL B 119 0.17 14.04 -13.60
CA VAL B 119 -0.14 14.19 -15.02
C VAL B 119 0.92 15.06 -15.72
N LYS B 120 1.69 15.85 -15.00
CA LYS B 120 2.72 16.62 -15.68
C LYS B 120 3.91 16.87 -14.77
N ALA B 121 5.09 16.49 -15.25
CA ALA B 121 6.32 16.66 -14.50
C ALA B 121 6.71 18.14 -14.42
N PRO B 122 7.41 18.56 -13.34
CA PRO B 122 8.01 19.89 -13.26
C PRO B 122 8.98 20.12 -14.41
N ASN B 123 9.37 21.37 -14.58
CA ASN B 123 10.35 21.74 -15.58
C ASN B 123 11.67 21.02 -15.29
N ASN B 124 12.30 20.49 -16.35
CA ASN B 124 13.57 19.76 -16.28
C ASN B 124 13.51 18.62 -15.27
N ALA B 125 12.34 17.99 -15.19
CA ALA B 125 12.14 16.75 -14.48
C ALA B 125 11.36 15.81 -15.39
N GLU B 126 11.45 14.51 -15.12
CA GLU B 126 10.69 13.51 -15.86
C GLU B 126 9.93 12.61 -14.88
N LEU B 127 8.72 12.18 -15.33
CA LEU B 127 7.90 11.21 -14.61
C LEU B 127 8.64 9.88 -14.50
N ILE B 128 8.37 9.20 -13.37
CA ILE B 128 8.77 7.82 -13.12
C ILE B 128 7.50 6.99 -13.09
N GLU B 129 7.45 5.88 -13.84
CA GLU B 129 6.19 5.20 -14.06
C GLU B 129 5.55 4.72 -12.74
N ASN B 130 6.37 4.16 -11.83
CA ASN B 130 5.86 3.63 -10.59
C ASN B 130 5.68 4.73 -9.53
N GLN B 131 5.83 6.00 -9.91
CA GLN B 131 5.54 7.11 -9.01
C GLN B 131 4.29 7.86 -9.43
N THR B 132 3.74 7.57 -10.62
CA THR B 132 2.69 8.41 -11.18
C THR B 132 1.33 8.17 -10.54
N LYS B 133 1.09 7.02 -9.93
CA LYS B 133 -0.18 6.74 -9.29
C LYS B 133 0.06 6.31 -7.86
N THR B 134 -0.30 7.19 -6.92
CA THR B 134 -0.06 7.00 -5.51
C THR B 134 -1.39 6.73 -4.82
N PRO B 135 -1.68 5.51 -4.36
CA PRO B 135 -2.91 5.26 -3.58
C PRO B 135 -2.84 5.96 -2.24
N PHE B 136 -3.96 6.54 -1.83
CA PHE B 136 -4.07 6.97 -0.45
C PHE B 136 -5.48 6.75 0.09
N THR B 137 -5.55 6.53 1.40
CA THR B 137 -6.80 6.31 2.12
C THR B 137 -7.03 7.44 3.12
N ILE B 138 -8.20 8.10 3.05
CA ILE B 138 -8.63 8.99 4.12
C ILE B 138 -9.47 8.16 5.09
N GLU B 139 -9.03 8.11 6.36
CA GLU B 139 -9.71 7.31 7.38
C GLU B 139 -10.84 8.12 8.01
N ALA B 140 -11.84 7.41 8.52
CA ALA B 140 -12.93 8.03 9.26
C ALA B 140 -12.38 8.68 10.53
N ASN B 141 -12.90 9.86 10.88
CA ASN B 141 -12.67 10.47 12.18
C ASN B 141 -11.19 10.65 12.45
N ASN B 142 -10.50 11.14 11.45
CA ASN B 142 -9.06 11.23 11.51
C ASN B 142 -8.64 12.47 10.75
N GLN B 143 -8.20 13.48 11.53
CA GLN B 143 -7.80 14.77 11.00
C GLN B 143 -6.27 14.81 10.76
N THR B 144 -5.55 13.72 11.02
CA THR B 144 -4.12 13.71 10.77
C THR B 144 -3.86 13.67 9.26
N PRO B 145 -3.08 14.62 8.70
CA PRO B 145 -2.76 14.58 7.27
C PRO B 145 -2.12 13.27 6.87
N VAL B 146 -2.60 12.68 5.79
CA VAL B 146 -1.96 11.53 5.19
C VAL B 146 -0.74 12.02 4.42
N GLU B 147 0.42 11.38 4.65
CA GLU B 147 1.69 11.80 4.12
C GLU B 147 2.12 10.87 3.00
N LYS B 148 2.49 11.45 1.83
CA LYS B 148 3.03 10.66 0.76
C LYS B 148 4.19 11.42 0.15
N THR B 149 5.15 10.66 -0.39
CA THR B 149 6.28 11.20 -1.12
C THR B 149 6.16 10.73 -2.54
N VAL B 150 6.41 11.62 -3.50
CA VAL B 150 6.41 11.26 -4.89
C VAL B 150 7.72 11.77 -5.51
N LYS B 151 8.41 10.88 -6.23
CA LYS B 151 9.69 11.17 -6.83
C LYS B 151 9.48 11.53 -8.30
N ASN B 152 10.28 12.48 -8.76
CA ASN B 152 10.45 12.81 -10.16
C ASN B 152 11.96 12.75 -10.44
N ASP B 153 12.30 12.25 -11.61
CA ASP B 153 13.69 12.13 -12.01
C ASP B 153 14.24 13.48 -12.37
N THR B 154 15.38 13.81 -11.74
CA THR B 154 16.21 14.94 -12.13
C THR B 154 17.66 14.45 -12.25
N SER B 155 18.54 15.32 -12.78
CA SER B 155 19.93 15.01 -13.01
C SER B 155 20.86 15.96 -12.20
N LYS B 156 21.83 15.37 -11.49
CA LYS B 156 22.99 16.07 -10.98
C LYS B 156 24.24 15.43 -11.55
N VAL B 157 25.04 16.21 -12.28
CA VAL B 157 26.32 15.75 -12.80
C VAL B 157 27.44 16.28 -11.92
N ASP B 158 28.43 15.41 -11.66
CA ASP B 158 29.58 15.81 -10.86
C ASP B 158 30.82 15.59 -11.72
N LYS B 159 31.81 16.46 -11.54
CA LYS B 159 33.09 16.32 -12.23
C LYS B 159 34.21 16.65 -11.23
N THR B 160 35.16 15.71 -11.11
CA THR B 160 36.25 15.86 -10.15
C THR B 160 37.56 15.38 -10.76
N THR B 161 38.65 15.83 -10.11
CA THR B 161 39.96 15.22 -10.28
C THR B 161 40.33 14.54 -8.97
N PRO B 162 39.99 13.25 -8.80
CA PRO B 162 40.06 12.62 -7.48
C PRO B 162 41.48 12.29 -7.00
N SER B 163 42.51 12.49 -7.84
CA SER B 163 43.85 12.13 -7.44
C SER B 163 44.73 13.36 -7.18
N LEU B 164 44.37 14.51 -7.76
CA LEU B 164 45.21 15.70 -7.67
C LEU B 164 45.25 16.21 -6.24
N ASP B 165 46.44 16.68 -5.84
CA ASP B 165 46.67 17.27 -4.52
C ASP B 165 46.02 18.65 -4.48
N GLY B 166 46.11 19.41 -5.57
CA GLY B 166 45.38 20.66 -5.65
C GLY B 166 44.81 20.83 -7.05
N LYS B 167 45.26 21.90 -7.71
CA LYS B 167 44.77 22.33 -9.00
C LYS B 167 45.92 22.47 -9.98
N ASP B 168 47.16 22.54 -9.47
CA ASP B 168 48.34 22.73 -10.32
C ASP B 168 48.82 21.38 -10.87
N VAL B 169 49.28 21.40 -12.12
CA VAL B 169 49.79 20.21 -12.78
C VAL B 169 50.95 20.65 -13.67
N ALA B 170 51.70 19.66 -14.19
CA ALA B 170 52.73 19.90 -15.17
C ALA B 170 52.09 19.68 -16.54
N ILE B 171 52.61 20.44 -17.53
CA ILE B 171 52.20 20.16 -18.88
C ILE B 171 52.63 18.72 -19.16
N GLY B 172 51.78 17.95 -19.86
CA GLY B 172 52.07 16.56 -20.20
C GLY B 172 51.61 15.58 -19.09
N GLU B 173 51.40 16.07 -17.86
CA GLU B 173 51.02 15.21 -16.73
C GLU B 173 49.62 14.64 -16.98
N LYS B 174 49.48 13.31 -16.94
CA LYS B 174 48.19 12.69 -17.08
C LYS B 174 47.40 12.92 -15.80
N ILE B 175 46.20 13.49 -15.97
CA ILE B 175 45.31 13.86 -14.88
C ILE B 175 44.12 12.92 -14.93
N LYS B 176 43.86 12.27 -13.80
CA LYS B 176 42.65 11.46 -13.63
C LYS B 176 41.45 12.38 -13.46
N TYR B 177 40.43 12.11 -14.27
CA TYR B 177 39.16 12.83 -14.22
C TYR B 177 38.04 11.82 -13.96
N GLN B 178 36.97 12.29 -13.33
CA GLN B 178 35.76 11.50 -13.15
C GLN B 178 34.53 12.35 -13.41
N ILE B 179 33.63 11.82 -14.26
CA ILE B 179 32.32 12.40 -14.49
C ILE B 179 31.25 11.43 -14.00
N SER B 180 30.35 11.94 -13.17
CA SER B 180 29.31 11.14 -12.52
C SER B 180 27.94 11.77 -12.77
N VAL B 181 26.93 10.91 -12.96
CA VAL B 181 25.53 11.33 -12.97
C VAL B 181 24.65 10.24 -12.33
N ASN B 182 23.61 10.69 -11.61
CA ASN B 182 22.59 9.78 -11.10
C ASN B 182 21.86 9.15 -12.29
N ILE B 183 21.59 7.86 -12.18
CA ILE B 183 20.84 7.15 -13.19
C ILE B 183 19.35 7.26 -12.88
N PRO B 184 18.53 7.72 -13.85
CA PRO B 184 17.08 7.80 -13.64
C PRO B 184 16.40 6.64 -12.95
N LEU B 185 15.47 6.91 -12.05
CA LEU B 185 14.64 5.84 -11.49
C LEU B 185 13.76 5.23 -12.59
N GLY B 186 13.47 5.98 -13.65
CA GLY B 186 12.62 5.46 -14.71
C GLY B 186 13.41 5.04 -15.95
N ILE B 187 14.65 4.58 -15.74
CA ILE B 187 15.58 4.33 -16.83
C ILE B 187 15.08 3.16 -17.70
N ALA B 188 14.25 2.28 -17.11
CA ALA B 188 13.69 1.17 -17.87
C ALA B 188 12.20 1.38 -18.19
N ASP B 189 11.66 2.59 -17.98
CA ASP B 189 10.24 2.81 -18.23
C ASP B 189 9.98 2.77 -19.72
N LYS B 190 8.74 2.44 -20.14
CA LYS B 190 8.48 2.30 -21.57
C LYS B 190 7.24 3.08 -22.00
N GLU B 191 7.33 3.71 -23.19
CA GLU B 191 6.22 4.45 -23.78
C GLU B 191 5.73 3.80 -25.09
N GLY B 192 5.11 2.61 -24.99
CA GLY B 192 4.46 1.98 -26.14
C GLY B 192 5.25 0.81 -26.67
N ALA B 194 9.43 0.75 -27.48
CA ALA B 194 9.33 2.21 -27.26
C ALA B 194 9.73 2.59 -25.83
N ASN B 195 11.04 2.65 -25.55
CA ASN B 195 11.51 2.94 -24.21
C ASN B 195 11.51 4.43 -23.93
N LYS B 196 11.36 4.78 -22.65
CA LYS B 196 11.34 6.17 -22.26
C LYS B 196 12.68 6.82 -22.60
N TYR B 197 13.76 6.13 -22.25
CA TYR B 197 15.10 6.61 -22.48
C TYR B 197 15.70 5.84 -23.64
N VAL B 198 15.90 6.55 -24.77
CA VAL B 198 16.47 5.96 -25.96
C VAL B 198 17.90 6.47 -26.14
N LYS B 199 18.29 7.52 -25.41
CA LYS B 199 19.71 7.83 -25.29
C LYS B 199 20.06 8.16 -23.86
N PHE B 200 21.31 7.88 -23.50
CA PHE B 200 21.88 8.26 -22.22
C PHE B 200 23.38 8.50 -22.46
N ASN B 201 23.80 9.77 -22.41
CA ASN B 201 25.12 10.19 -22.84
C ASN B 201 25.74 11.10 -21.80
N LEU B 202 27.06 10.93 -21.56
CA LEU B 202 27.84 11.90 -20.85
C LEU B 202 28.69 12.67 -21.87
N VAL B 203 28.80 13.98 -21.66
CA VAL B 203 29.52 14.84 -22.58
C VAL B 203 30.51 15.69 -21.77
N ASP B 204 31.69 15.90 -22.37
CA ASP B 204 32.72 16.77 -21.83
C ASP B 204 33.16 17.70 -22.96
N LYS B 205 33.28 19.01 -22.65
CA LYS B 205 33.97 19.96 -23.50
C LYS B 205 34.99 20.66 -22.63
N HIS B 206 36.14 20.99 -23.26
CA HIS B 206 37.32 21.41 -22.53
C HIS B 206 38.18 22.35 -23.39
N ASP B 207 39.14 23.01 -22.72
CA ASP B 207 40.08 23.91 -23.36
C ASP B 207 40.84 23.14 -24.43
N ALA B 208 41.17 23.84 -25.53
CA ALA B 208 42.03 23.31 -26.58
C ALA B 208 43.36 22.84 -25.98
N ALA B 209 43.83 23.49 -24.91
CA ALA B 209 45.11 23.14 -24.30
C ALA B 209 45.04 21.85 -23.47
N LEU B 210 43.85 21.24 -23.32
CA LEU B 210 43.72 19.90 -22.77
C LEU B 210 43.46 18.90 -23.88
N THR B 211 44.14 17.75 -23.84
CA THR B 211 43.92 16.65 -24.77
C THR B 211 43.39 15.46 -23.97
N PHE B 212 42.21 14.98 -24.36
CA PHE B 212 41.63 13.76 -23.84
C PHE B 212 42.50 12.60 -24.28
N ASP B 213 42.89 11.75 -23.32
CA ASP B 213 43.66 10.56 -23.62
C ASP B 213 42.67 9.46 -24.01
N ASN B 214 42.42 9.36 -25.32
CA ASN B 214 41.57 8.31 -25.85
C ASN B 214 42.35 7.01 -25.91
N VAL B 215 42.43 6.32 -24.76
CA VAL B 215 43.25 5.14 -24.60
C VAL B 215 42.39 4.00 -24.04
N THR B 216 42.49 2.81 -24.66
CA THR B 216 41.64 1.67 -24.35
C THR B 216 42.44 0.50 -23.78
N SER B 217 43.69 0.75 -23.32
CA SER B 217 44.42 -0.23 -22.53
C SER B 217 45.54 0.45 -21.73
N GLY B 218 45.97 -0.19 -20.64
CA GLY B 218 47.12 0.27 -19.88
C GLY B 218 46.70 1.14 -18.69
N GLU B 219 47.64 1.91 -18.17
CA GLU B 219 47.45 2.66 -16.94
C GLU B 219 46.37 3.72 -17.12
N TYR B 220 46.28 4.31 -18.32
CA TYR B 220 45.44 5.49 -18.55
C TYR B 220 44.20 5.16 -19.36
N ALA B 221 43.85 3.86 -19.48
CA ALA B 221 42.62 3.45 -20.14
C ALA B 221 41.43 4.08 -19.42
N TYR B 222 40.41 4.47 -20.19
CA TYR B 222 39.21 5.03 -19.59
C TYR B 222 38.31 3.87 -19.20
N ALA B 223 37.23 4.18 -18.51
CA ALA B 223 36.35 3.14 -18.00
C ALA B 223 34.99 3.74 -17.69
N LEU B 224 33.94 3.03 -18.06
CA LEU B 224 32.58 3.42 -17.72
C LEU B 224 32.01 2.40 -16.75
N TYR B 225 31.39 2.90 -15.69
CA TYR B 225 30.90 2.07 -14.60
C TYR B 225 29.41 2.29 -14.36
N ASP B 226 28.70 1.20 -14.03
CA ASP B 226 27.40 1.28 -13.38
C ASP B 226 27.61 0.86 -11.93
N GLY B 227 27.60 1.83 -11.00
CA GLY B 227 28.07 1.59 -9.64
C GLY B 227 29.54 1.22 -9.66
N ASP B 228 29.88 0.01 -9.21
CA ASP B 228 31.27 -0.42 -9.23
C ASP B 228 31.56 -1.42 -10.34
N THR B 229 30.55 -1.76 -11.15
CA THR B 229 30.70 -2.73 -12.23
C THR B 229 31.07 -2.02 -13.53
N VAL B 230 32.09 -2.54 -14.22
CA VAL B 230 32.59 -1.98 -15.47
C VAL B 230 31.65 -2.42 -16.58
N ILE B 231 31.16 -1.46 -17.33
CA ILE B 231 30.34 -1.74 -18.49
C ILE B 231 31.26 -2.10 -19.66
N ALA B 232 30.93 -3.24 -20.28
CA ALA B 232 31.68 -3.79 -21.38
C ALA B 232 31.65 -2.83 -22.57
N PRO B 233 32.82 -2.54 -23.15
CA PRO B 233 32.96 -1.56 -24.23
C PRO B 233 31.96 -1.61 -25.40
N GLU B 234 31.45 -2.79 -25.76
CA GLU B 234 30.44 -2.93 -26.80
C GLU B 234 29.07 -2.34 -26.42
N ASN B 235 28.84 -2.04 -25.14
CA ASN B 235 27.56 -1.50 -24.66
C ASN B 235 27.58 0.04 -24.62
N TYR B 236 28.69 0.68 -25.05
CA TYR B 236 28.70 2.12 -25.26
C TYR B 236 29.71 2.47 -26.37
N GLN B 237 29.72 3.74 -26.78
CA GLN B 237 30.62 4.26 -27.83
C GLN B 237 31.16 5.64 -27.40
N VAL B 238 32.48 5.81 -27.48
CA VAL B 238 33.12 7.09 -27.25
C VAL B 238 33.38 7.74 -28.59
N THR B 239 32.98 9.00 -28.74
CA THR B 239 33.27 9.79 -29.92
C THR B 239 33.82 11.13 -29.44
N GLU B 240 34.71 11.71 -30.26
CA GLU B 240 35.35 12.97 -29.93
C GLU B 240 34.81 14.03 -30.87
N GLN B 241 34.51 15.21 -30.32
CA GLN B 241 34.18 16.40 -31.09
C GLN B 241 35.40 17.30 -31.03
N ALA B 242 35.28 18.56 -31.51
CA ALA B 242 36.25 19.62 -31.22
C ALA B 242 36.35 19.92 -29.73
N ASN B 243 37.47 19.49 -29.13
CA ASN B 243 37.85 19.81 -27.76
C ASN B 243 36.75 19.33 -26.82
N GLY B 244 36.32 18.09 -27.02
CA GLY B 244 35.32 17.46 -26.18
C GLY B 244 35.04 16.04 -26.64
N PHE B 245 34.25 15.29 -25.86
CA PHE B 245 33.88 13.97 -26.31
C PHE B 245 32.51 13.62 -25.75
N THR B 246 31.95 12.52 -26.27
CA THR B 246 30.68 11.99 -25.83
C THR B 246 30.87 10.52 -25.54
N VAL B 247 30.34 10.10 -24.39
CA VAL B 247 30.18 8.70 -24.08
C VAL B 247 28.68 8.39 -24.19
N ALA B 248 28.32 7.48 -25.09
CA ALA B 248 26.94 7.19 -25.45
C ALA B 248 26.66 5.73 -25.14
N VAL B 249 25.86 5.47 -24.09
CA VAL B 249 25.42 4.12 -23.81
C VAL B 249 24.56 3.66 -24.98
N ASN B 250 24.77 2.42 -25.41
CA ASN B 250 23.99 1.84 -26.48
C ASN B 250 22.50 1.85 -26.12
N PRO B 251 21.60 2.30 -27.03
CA PRO B 251 20.16 2.32 -26.75
C PRO B 251 19.62 1.01 -26.18
N ALA B 252 20.09 -0.11 -26.72
CA ALA B 252 19.61 -1.42 -26.31
C ALA B 252 20.04 -1.79 -24.89
N TYR B 253 21.16 -1.25 -24.38
CA TYR B 253 21.65 -1.52 -23.03
C TYR B 253 21.08 -0.56 -21.95
N ILE B 254 20.54 0.59 -22.37
CA ILE B 254 20.04 1.58 -21.42
C ILE B 254 19.11 0.93 -20.38
N PRO B 255 18.12 0.07 -20.74
CA PRO B 255 17.23 -0.50 -19.73
C PRO B 255 17.89 -1.45 -18.73
N THR B 256 19.16 -1.82 -18.94
CA THR B 256 19.91 -2.63 -18.00
C THR B 256 20.57 -1.78 -16.92
N LEU B 257 20.65 -0.46 -17.09
CA LEU B 257 21.33 0.36 -16.10
C LEU B 257 20.58 0.30 -14.77
N THR B 258 21.30 0.48 -13.67
CA THR B 258 20.72 0.36 -12.34
C THR B 258 19.81 1.57 -12.08
N PRO B 259 18.47 1.41 -11.87
CA PRO B 259 17.63 2.57 -11.56
C PRO B 259 18.07 3.24 -10.27
N GLY B 260 18.25 4.56 -10.30
CA GLY B 260 18.67 5.30 -9.13
C GLY B 260 20.17 5.16 -8.79
N GLY B 261 20.92 4.31 -9.49
CA GLY B 261 22.36 4.18 -9.23
C GLY B 261 23.17 5.36 -9.76
N THR B 262 24.47 5.13 -10.02
CA THR B 262 25.37 6.13 -10.55
C THR B 262 26.07 5.60 -11.81
N LEU B 263 26.09 6.43 -12.85
CA LEU B 263 26.91 6.19 -14.01
C LEU B 263 28.16 7.06 -13.88
N LYS B 264 29.34 6.41 -13.96
CA LYS B 264 30.61 7.09 -13.73
C LYS B 264 31.58 6.78 -14.88
N PHE B 265 32.10 7.85 -15.50
CA PHE B 265 33.14 7.73 -16.53
C PHE B 265 34.45 8.25 -15.94
N VAL B 266 35.45 7.37 -15.93
CA VAL B 266 36.76 7.69 -15.38
C VAL B 266 37.76 7.68 -16.53
N TYR B 267 38.44 8.80 -16.72
CA TYR B 267 39.32 8.97 -17.87
C TYR B 267 40.51 9.86 -17.48
N PHE B 268 41.39 10.14 -18.47
CA PHE B 268 42.59 10.94 -18.28
C PHE B 268 42.69 11.95 -19.41
N MET B 269 43.14 13.17 -19.05
CA MET B 269 43.50 14.21 -19.99
C MET B 269 44.87 14.76 -19.57
N HIS B 270 45.50 15.53 -20.46
CA HIS B 270 46.70 16.25 -20.09
C HIS B 270 46.74 17.59 -20.83
N LEU B 271 47.48 18.53 -20.23
CA LEU B 271 47.83 19.77 -20.89
C LEU B 271 48.80 19.47 -22.02
N ASN B 272 48.47 20.02 -23.21
CA ASN B 272 49.28 19.80 -24.41
C ASN B 272 50.18 20.99 -24.63
N GLU B 273 50.75 21.09 -25.85
CA GLU B 273 51.75 22.10 -26.14
C GLU B 273 51.15 23.51 -26.12
N LYS B 274 49.82 23.64 -26.17
CA LYS B 274 49.18 24.95 -26.24
C LYS B 274 49.06 25.57 -24.85
N ALA B 275 49.33 24.78 -23.80
CA ALA B 275 49.18 25.26 -22.45
C ALA B 275 50.36 26.16 -22.07
N ASP B 276 50.06 27.10 -21.16
CA ASP B 276 51.08 28.03 -20.62
C ASP B 276 50.61 28.43 -19.21
N PRO B 277 51.42 29.09 -18.37
CA PRO B 277 51.01 29.45 -17.03
C PRO B 277 50.22 30.75 -16.89
N THR B 278 49.70 31.28 -17.98
CA THR B 278 48.99 32.54 -17.98
C THR B 278 47.47 32.35 -17.90
N LYS B 279 46.97 31.14 -18.21
CA LYS B 279 45.53 30.86 -18.24
C LYS B 279 45.21 29.71 -17.29
N GLY B 280 43.92 29.59 -16.91
CA GLY B 280 43.40 28.37 -16.33
C GLY B 280 42.84 27.51 -17.46
N PHE B 281 42.84 26.20 -17.29
CA PHE B 281 42.35 25.28 -18.30
C PHE B 281 41.14 24.54 -17.75
N LYS B 282 39.97 24.79 -18.35
CA LYS B 282 38.71 24.32 -17.81
C LYS B 282 38.13 23.21 -18.67
N ASN B 283 37.36 22.36 -18.03
CA ASN B 283 36.47 21.43 -18.71
C ASN B 283 35.14 21.49 -17.98
N GLU B 284 34.10 20.99 -18.65
CA GLU B 284 32.73 21.00 -18.16
C GLU B 284 32.06 19.74 -18.69
N ALA B 285 31.15 19.19 -17.86
CA ALA B 285 30.47 17.97 -18.20
C ALA B 285 28.96 18.14 -17.96
N ASN B 286 28.20 17.26 -18.62
CA ASN B 286 26.76 17.21 -18.49
C ASN B 286 26.27 15.89 -19.06
N VAL B 287 24.95 15.66 -18.87
CA VAL B 287 24.31 14.46 -19.35
C VAL B 287 23.37 14.85 -20.47
N ASP B 288 23.14 13.90 -21.41
CA ASP B 288 22.14 14.04 -22.45
C ASP B 288 21.32 12.75 -22.51
N ASN B 289 20.05 12.83 -22.07
CA ASN B 289 19.21 11.65 -21.99
C ASN B 289 17.84 11.86 -22.64
N GLY B 290 17.67 12.99 -23.33
CA GLY B 290 16.41 13.33 -23.97
C GLY B 290 15.42 14.01 -23.02
N HIS B 291 15.73 14.08 -21.72
CA HIS B 291 14.73 14.45 -20.73
C HIS B 291 15.24 15.52 -19.78
N THR B 292 16.37 15.28 -19.12
CA THR B 292 16.75 16.11 -18.01
C THR B 292 18.25 16.26 -18.08
N ASP B 293 18.75 17.34 -17.47
CA ASP B 293 20.18 17.61 -17.39
C ASP B 293 20.44 18.52 -16.20
N ASP B 294 21.72 18.86 -15.96
CA ASP B 294 22.16 19.74 -14.89
C ASP B 294 22.12 21.18 -15.39
N GLN B 295 21.40 22.05 -14.65
CA GLN B 295 21.29 23.47 -15.02
C GLN B 295 22.53 24.26 -14.58
N THR B 296 23.34 23.71 -13.67
CA THR B 296 24.61 24.29 -13.24
C THR B 296 25.69 23.23 -13.45
N PRO B 297 26.13 23.03 -14.72
CA PRO B 297 26.99 21.90 -15.06
C PRO B 297 28.29 22.01 -14.26
N PRO B 298 28.92 20.88 -13.83
CA PRO B 298 30.17 20.94 -13.08
C PRO B 298 31.34 21.32 -13.98
N THR B 299 32.25 22.11 -13.44
CA THR B 299 33.51 22.46 -14.11
C THR B 299 34.68 22.05 -13.22
N VAL B 300 35.82 21.79 -13.88
CA VAL B 300 37.09 21.67 -13.19
C VAL B 300 38.07 22.55 -13.96
N GLU B 301 38.95 23.20 -13.21
CA GLU B 301 40.02 24.00 -13.79
C GLU B 301 41.35 23.49 -13.26
N VAL B 302 42.35 23.47 -14.12
CA VAL B 302 43.70 23.12 -13.70
C VAL B 302 44.62 24.20 -14.25
N VAL B 303 45.76 24.33 -13.59
CA VAL B 303 46.73 25.36 -13.92
C VAL B 303 48.09 24.71 -13.98
N THR B 304 49.01 25.39 -14.65
CA THR B 304 50.40 25.01 -14.56
C THR B 304 51.20 26.24 -14.18
N GLY B 305 52.47 26.03 -13.87
CA GLY B 305 53.25 27.06 -13.20
C GLY B 305 54.41 27.52 -14.08
N GLY B 306 54.99 28.66 -13.76
CA GLY B 306 56.18 29.12 -14.47
C GLY B 306 56.93 30.19 -13.69
N LYS B 307 58.17 30.48 -14.16
CA LYS B 307 59.01 31.51 -13.58
C LYS B 307 59.90 32.08 -14.68
N ARG B 308 60.16 33.39 -14.59
CA ARG B 308 61.04 34.04 -15.56
C ARG B 308 62.18 34.71 -14.80
N PHE B 309 63.39 34.66 -15.38
CA PHE B 309 64.57 35.32 -14.85
C PHE B 309 65.16 36.18 -15.96
N ILE B 310 65.92 37.21 -15.59
CA ILE B 310 66.73 37.96 -16.53
C ILE B 310 68.16 38.10 -15.99
N LYS B 311 69.14 37.68 -16.80
CA LYS B 311 70.56 37.79 -16.46
C LYS B 311 71.09 39.19 -16.77
N VAL B 312 71.68 39.84 -15.77
CA VAL B 312 72.16 41.21 -15.87
C VAL B 312 73.54 41.36 -15.22
N ASP B 313 74.12 42.57 -15.23
CA ASP B 313 75.38 42.86 -14.56
C ASP B 313 75.16 43.55 -13.21
N ALA B 321 71.45 43.56 -19.51
CA ALA B 321 70.99 42.19 -19.87
C ALA B 321 72.12 41.43 -20.56
N LEU B 322 72.41 40.21 -20.09
CA LEU B 322 73.57 39.47 -20.58
C LEU B 322 73.11 38.22 -21.32
N ALA B 323 73.77 37.97 -22.48
CA ALA B 323 73.54 36.78 -23.29
C ALA B 323 74.63 35.76 -22.99
N GLY B 324 74.39 34.50 -23.39
CA GLY B 324 75.38 33.44 -23.26
C GLY B 324 75.33 32.70 -21.92
N ALA B 325 74.41 33.07 -21.02
CA ALA B 325 74.30 32.41 -19.71
C ALA B 325 73.42 31.18 -19.81
N SER B 326 73.91 30.05 -19.28
CA SER B 326 73.21 28.79 -19.39
C SER B 326 72.82 28.32 -18.00
N PHE B 327 71.61 27.78 -17.87
CA PHE B 327 71.10 27.30 -16.58
C PHE B 327 70.35 25.97 -16.74
N VAL B 328 70.21 25.27 -15.60
CA VAL B 328 69.32 24.13 -15.45
C VAL B 328 68.48 24.36 -14.21
N VAL B 329 67.42 23.57 -14.08
CA VAL B 329 66.53 23.68 -12.93
C VAL B 329 66.58 22.38 -12.13
N ARG B 330 66.81 22.53 -10.83
CA ARG B 330 66.85 21.42 -9.90
C ARG B 330 65.63 21.48 -9.00
N ASP B 331 65.16 20.31 -8.55
CA ASP B 331 63.98 20.22 -7.69
C ASP B 331 64.38 20.12 -6.23
N GLN B 332 65.67 20.29 -5.94
CA GLN B 332 66.18 20.38 -4.58
C GLN B 332 67.57 21.03 -4.64
N ASN B 333 67.96 21.73 -3.57
CA ASN B 333 69.24 22.41 -3.52
C ASN B 333 70.36 21.42 -3.15
N SER B 334 70.68 20.49 -4.04
CA SER B 334 71.64 19.44 -3.74
C SER B 334 72.10 18.78 -5.03
N ASP B 335 73.27 18.15 -5.02
CA ASP B 335 73.91 17.66 -6.23
C ASP B 335 73.23 16.39 -6.74
N THR B 336 72.52 15.65 -5.88
CA THR B 336 71.82 14.44 -6.29
C THR B 336 70.38 14.74 -6.69
N ALA B 337 69.98 16.02 -6.63
CA ALA B 337 68.62 16.44 -7.08
C ALA B 337 68.38 16.09 -8.55
N ASN B 338 67.10 16.06 -8.95
CA ASN B 338 66.78 15.81 -10.36
C ASN B 338 67.02 17.07 -11.21
N TYR B 339 66.92 16.89 -12.52
CA TYR B 339 67.03 18.00 -13.45
C TYR B 339 65.73 18.15 -14.25
N LEU B 340 65.32 19.39 -14.48
CA LEU B 340 64.13 19.63 -15.28
C LEU B 340 64.39 19.27 -16.72
N LYS B 341 63.42 18.54 -17.33
CA LYS B 341 63.40 18.25 -18.75
C LYS B 341 62.09 18.75 -19.36
N ILE B 342 62.21 19.53 -20.43
CA ILE B 342 61.07 20.02 -21.19
C ILE B 342 61.14 19.42 -22.59
N ASP B 343 60.15 18.60 -22.92
CA ASP B 343 60.07 17.95 -24.22
C ASP B 343 59.81 19.03 -25.27
N GLU B 344 60.62 19.04 -26.33
CA GLU B 344 60.59 20.10 -27.34
C GLU B 344 59.26 20.14 -28.08
N THR B 345 58.67 18.95 -28.32
CA THR B 345 57.47 18.82 -29.12
C THR B 345 56.21 19.00 -28.26
N THR B 346 56.09 18.29 -27.13
CA THR B 346 54.85 18.32 -26.35
C THR B 346 54.89 19.41 -25.28
N LYS B 347 56.10 19.94 -24.97
CA LYS B 347 56.33 20.89 -23.88
C LYS B 347 56.06 20.19 -22.54
N ALA B 348 56.00 18.86 -22.54
CA ALA B 348 55.81 18.09 -21.31
C ALA B 348 57.06 18.19 -20.44
N ALA B 349 56.82 18.31 -19.14
CA ALA B 349 57.82 18.64 -18.15
C ALA B 349 57.98 17.43 -17.25
N THR B 350 59.23 16.97 -17.17
CA THR B 350 59.55 15.77 -16.42
C THR B 350 60.86 16.05 -15.70
N TRP B 351 61.23 15.13 -14.82
CA TRP B 351 62.46 15.22 -14.04
C TRP B 351 63.38 14.06 -14.36
N VAL B 352 64.65 14.37 -14.60
CA VAL B 352 65.63 13.40 -15.06
C VAL B 352 66.83 13.47 -14.12
N LYS B 353 67.60 12.38 -14.11
CA LYS B 353 68.58 12.17 -13.07
C LYS B 353 69.94 12.79 -13.43
N THR B 354 70.18 13.16 -14.69
CA THR B 354 71.52 13.63 -15.06
C THR B 354 71.42 14.96 -15.79
N LYS B 355 72.55 15.65 -15.80
CA LYS B 355 72.70 16.93 -16.49
C LYS B 355 72.55 16.75 -17.99
N ALA B 356 73.06 15.62 -18.51
CA ALA B 356 73.02 15.32 -19.92
C ALA B 356 71.57 15.26 -20.40
N GLU B 357 70.67 14.69 -19.59
CA GLU B 357 69.28 14.51 -19.97
C GLU B 357 68.45 15.77 -19.74
N ALA B 358 69.02 16.78 -19.04
CA ALA B 358 68.29 17.97 -18.65
C ALA B 358 68.06 18.93 -19.83
N THR B 359 67.07 19.82 -19.65
CA THR B 359 66.92 20.98 -20.51
C THR B 359 67.81 22.09 -19.99
N THR B 360 68.59 22.71 -20.91
CA THR B 360 69.40 23.89 -20.62
C THR B 360 68.67 25.10 -21.17
N PHE B 361 68.63 26.17 -20.36
CA PHE B 361 68.07 27.45 -20.78
C PHE B 361 69.25 28.41 -20.95
N THR B 362 69.44 28.89 -22.18
CA THR B 362 70.55 29.77 -22.51
C THR B 362 69.99 31.14 -22.89
N THR B 363 70.49 32.19 -22.22
CA THR B 363 70.01 33.54 -22.45
C THR B 363 70.54 34.04 -23.78
N THR B 364 69.64 34.73 -24.52
CA THR B 364 69.98 35.50 -25.70
C THR B 364 70.16 36.96 -25.26
N ALA B 365 70.13 37.88 -26.24
CA ALA B 365 70.41 39.27 -25.98
C ALA B 365 69.43 39.88 -24.97
N ASP B 366 68.20 39.35 -24.91
CA ASP B 366 67.19 39.85 -23.99
C ASP B 366 67.45 39.40 -22.54
N GLY B 367 68.26 38.34 -22.37
CA GLY B 367 68.77 37.93 -21.06
C GLY B 367 67.80 37.04 -20.29
N LEU B 368 66.72 36.64 -20.96
CA LEU B 368 65.58 36.02 -20.30
C LEU B 368 65.77 34.51 -20.18
N VAL B 369 65.24 33.96 -19.08
CA VAL B 369 65.06 32.54 -18.88
C VAL B 369 63.58 32.35 -18.57
N ASP B 370 62.90 31.48 -19.35
CA ASP B 370 61.46 31.38 -19.34
C ASP B 370 61.11 29.93 -19.01
N ILE B 371 60.89 29.65 -17.72
CA ILE B 371 60.62 28.30 -17.24
C ILE B 371 59.11 28.13 -17.07
N THR B 372 58.51 27.19 -17.82
CA THR B 372 57.06 27.08 -17.91
C THR B 372 56.67 25.60 -17.91
N GLY B 373 55.52 25.32 -17.27
CA GLY B 373 54.88 24.03 -17.33
C GLY B 373 55.17 23.19 -16.09
N LEU B 374 55.64 23.81 -15.00
CA LEU B 374 56.01 23.10 -13.78
C LEU B 374 54.78 23.04 -12.86
N LYS B 375 54.78 22.09 -11.94
CA LYS B 375 53.88 22.17 -10.80
C LYS B 375 54.38 23.27 -9.87
N TYR B 376 53.47 23.76 -9.01
CA TYR B 376 53.79 24.72 -7.97
C TYR B 376 54.81 24.06 -7.03
N GLY B 377 55.63 24.88 -6.36
CA GLY B 377 56.64 24.38 -5.45
C GLY B 377 57.89 25.25 -5.47
N THR B 378 58.91 24.84 -4.71
CA THR B 378 60.16 25.55 -4.61
C THR B 378 61.23 24.80 -5.42
N TYR B 379 61.94 25.54 -6.28
CA TYR B 379 62.91 24.97 -7.19
C TYR B 379 64.20 25.80 -7.16
N TYR B 380 65.26 25.23 -7.75
CA TYR B 380 66.56 25.88 -7.69
C TYR B 380 67.13 26.07 -9.10
N LEU B 381 67.43 27.33 -9.42
CA LEU B 381 68.09 27.66 -10.67
C LEU B 381 69.60 27.54 -10.48
N GLU B 382 70.23 26.77 -11.38
CA GLU B 382 71.65 26.50 -11.30
C GLU B 382 72.34 26.92 -12.60
N GLU B 383 73.26 27.88 -12.50
CA GLU B 383 74.02 28.36 -13.65
C GLU B 383 75.10 27.35 -14.00
N THR B 384 75.10 26.91 -15.27
CA THR B 384 76.05 25.91 -15.76
C THR B 384 77.14 26.54 -16.64
N VAL B 385 76.93 27.72 -17.25
CA VAL B 385 77.95 28.38 -18.08
C VAL B 385 77.90 29.91 -17.88
N TYR B 390 82.45 36.76 -17.24
CA TYR B 390 81.79 36.99 -15.92
C TYR B 390 81.99 35.79 -15.00
N VAL B 391 81.73 36.03 -13.70
CA VAL B 391 81.90 35.03 -12.66
C VAL B 391 80.73 34.05 -12.66
N LEU B 392 81.05 32.75 -12.77
CA LEU B 392 80.10 31.67 -12.64
C LEU B 392 79.58 31.64 -11.21
N LEU B 393 78.25 31.58 -11.05
CA LEU B 393 77.65 31.68 -9.72
C LEU B 393 78.05 30.46 -8.91
N THR B 394 78.22 30.65 -7.60
CA THR B 394 78.67 29.58 -6.74
C THR B 394 77.51 29.03 -5.90
N ASN B 395 76.32 29.61 -6.00
CA ASN B 395 75.16 29.05 -5.33
C ASN B 395 73.97 29.06 -6.27
N ARG B 396 73.01 28.19 -5.98
CA ARG B 396 71.76 28.18 -6.73
C ARG B 396 70.85 29.29 -6.21
N ILE B 397 69.88 29.69 -7.05
CA ILE B 397 68.87 30.66 -6.66
C ILE B 397 67.56 29.92 -6.48
N GLU B 398 67.09 29.91 -5.23
CA GLU B 398 65.83 29.28 -4.86
C GLU B 398 64.70 30.14 -5.40
N PHE B 399 63.68 29.51 -6.01
CA PHE B 399 62.55 30.27 -6.53
C PHE B 399 61.25 29.51 -6.30
N VAL B 400 60.18 30.27 -6.05
CA VAL B 400 58.84 29.73 -5.88
C VAL B 400 58.07 29.79 -7.20
N VAL B 401 57.37 28.70 -7.49
CA VAL B 401 56.39 28.67 -8.56
C VAL B 401 55.02 28.58 -7.93
N ASN B 402 54.11 29.52 -8.28
CA ASN B 402 52.78 29.51 -7.68
C ASN B 402 51.87 30.44 -8.47
N GLU B 403 50.67 30.69 -7.92
CA GLU B 403 49.65 31.47 -8.58
C GLU B 403 50.16 32.87 -8.98
N GLN B 404 51.15 33.41 -8.24
CA GLN B 404 51.59 34.78 -8.44
C GLN B 404 52.98 34.87 -9.08
N SER B 405 53.53 33.76 -9.61
CA SER B 405 54.97 33.73 -9.91
C SER B 405 55.30 34.10 -11.35
N TYR B 406 54.28 34.15 -12.25
CA TYR B 406 54.51 34.24 -13.68
C TYR B 406 53.72 35.40 -14.28
N GLY B 407 52.41 35.45 -14.02
CA GLY B 407 51.54 36.54 -14.45
C GLY B 407 50.52 36.10 -15.50
N THR B 408 49.78 37.08 -16.06
CA THR B 408 48.92 36.87 -17.21
C THR B 408 49.60 37.44 -18.47
N THR B 409 48.99 37.21 -19.65
CA THR B 409 49.61 37.57 -20.93
C THR B 409 49.72 39.09 -21.02
N GLU B 410 48.67 39.76 -20.52
CA GLU B 410 48.61 41.21 -20.50
C GLU B 410 49.65 41.75 -19.53
N ASN B 411 49.75 41.16 -18.32
CA ASN B 411 50.69 41.64 -17.31
C ASN B 411 51.53 40.48 -16.78
N LEU B 412 52.62 40.17 -17.49
CA LEU B 412 53.63 39.23 -17.02
C LEU B 412 54.40 39.86 -15.86
N VAL B 413 54.64 39.09 -14.80
CA VAL B 413 55.46 39.53 -13.68
C VAL B 413 56.88 39.80 -14.19
N SER B 414 57.50 40.88 -13.69
CA SER B 414 58.88 41.28 -13.99
C SER B 414 59.80 40.10 -13.70
N PRO B 415 60.71 39.72 -14.64
CA PRO B 415 61.66 38.62 -14.39
C PRO B 415 62.55 38.91 -13.19
N GLU B 416 62.86 37.87 -12.38
CA GLU B 416 63.80 38.02 -11.27
C GLU B 416 65.22 38.21 -11.80
N LYS B 417 65.87 39.31 -11.40
CA LYS B 417 67.23 39.61 -11.83
C LYS B 417 68.22 38.62 -11.23
N VAL B 418 69.14 38.17 -12.08
CA VAL B 418 70.28 37.36 -11.68
C VAL B 418 71.53 38.17 -11.98
N PRO B 419 72.15 38.84 -10.98
CA PRO B 419 73.35 39.65 -11.22
C PRO B 419 74.61 38.80 -11.41
N ASN B 420 75.62 39.35 -12.10
CA ASN B 420 76.83 38.60 -12.42
C ASN B 420 78.09 39.30 -11.89
MG MG C . -25.13 -13.44 15.70
NA NA D . -15.67 -22.40 10.26
NA NA E . -51.41 -11.66 23.77
MG MG F . 24.82 21.85 -11.13
NA NA G . 16.00 11.89 -16.02
NA NA H . 50.81 30.93 -13.36
#